data_8DC6
#
_entry.id   8DC6
#
_cell.length_a   91.040
_cell.length_b   105.750
_cell.length_c   105.750
_cell.angle_alpha   90.000
_cell.angle_beta   90.000
_cell.angle_gamma   90.000
#
_symmetry.space_group_name_H-M   'P 21 21 21'
#
loop_
_entity.id
_entity.type
_entity.pdbx_description
1 polymer 'Cellular tumor antigen p53'
2 non-polymer 'ZINC ION'
3 non-polymer 'SULFATE ION'
4 non-polymer '1-(2-methylprop-2-enoyl)-1H-indole-3-carbaldehyde, bound form'
5 non-polymer 'MAGNESIUM ION'
6 water water
#
_entity_poly.entity_id   1
_entity_poly.type   'polypeptide(L)'
_entity_poly.pdbx_seq_one_letter_code
;GAHMSSSVPSQKTYQGSYGFRLGFLHSGTAKSVTSTYSPALNKLFCQLAKTCPVQLWVDSTPPPGTRVRAMAIYKQSQHM
TEVVRRCPHHERSSDSDGLAPPQHLIRVEGNLRVEYLDDRNTFRHSVVVPCEPPEVGSDSTTIHYNYMCYSSCMGGMNRR
PILTIITLEDSSGNLLGRDSFEVRVSASPGRDRRTEEENLRKKGEPHHELPPGSTKRALPNNT
;
_entity_poly.pdbx_strand_id   A,B,C,D
#
# COMPACT_ATOMS: atom_id res chain seq x y z
N ALA A 2 -7.08 -4.31 -4.95
CA ALA A 2 -8.32 -4.33 -5.71
C ALA A 2 -9.41 -3.56 -4.97
N HIS A 3 -9.14 -3.14 -3.75
CA HIS A 3 -10.14 -2.50 -2.91
C HIS A 3 -10.08 -1.00 -3.11
N MET A 4 -11.25 -0.37 -3.29
CA MET A 4 -11.37 1.07 -3.51
C MET A 4 -11.95 1.71 -2.24
N SER A 5 -11.22 2.66 -1.69
CA SER A 5 -11.67 3.43 -0.54
C SER A 5 -12.59 4.57 -0.98
N SER A 6 -13.40 5.06 -0.04
CA SER A 6 -14.21 6.25 -0.31
C SER A 6 -13.62 7.49 0.35
N SER A 7 -12.35 7.43 0.70
CA SER A 7 -11.64 8.58 1.23
C SER A 7 -10.18 8.46 0.81
N VAL A 8 -9.48 9.58 0.94
CA VAL A 8 -8.04 9.67 0.71
C VAL A 8 -7.48 10.50 1.85
N PRO A 9 -6.35 10.13 2.43
CA PRO A 9 -5.75 10.95 3.48
C PRO A 9 -5.25 12.28 2.95
N SER A 10 -5.13 13.23 3.85
CA SER A 10 -4.44 14.46 3.53
C SER A 10 -2.96 14.19 3.30
N GLN A 11 -2.36 14.99 2.41
CA GLN A 11 -0.93 14.89 2.20
C GLN A 11 -0.22 16.18 2.59
N LYS A 12 -0.91 17.06 3.31
CA LYS A 12 -0.39 18.38 3.65
C LYS A 12 0.76 18.26 4.64
N THR A 13 1.94 18.75 4.27
CA THR A 13 3.04 18.81 5.22
C THR A 13 2.70 19.72 6.37
N TYR A 14 2.95 19.24 7.60
CA TYR A 14 2.49 19.93 8.80
C TYR A 14 3.50 19.64 9.90
N GLN A 15 4.27 20.65 10.31
CA GLN A 15 5.21 20.43 11.40
C GLN A 15 4.53 20.45 12.77
N GLY A 16 3.44 21.22 12.92
CA GLY A 16 2.74 21.23 14.19
C GLY A 16 3.53 21.88 15.31
N SER A 17 2.99 21.72 16.52
CA SER A 17 3.56 22.36 17.71
CA SER A 17 3.58 22.39 17.68
C SER A 17 4.92 21.81 18.09
N TYR A 18 5.24 20.58 17.69
CA TYR A 18 6.50 19.95 18.12
C TYR A 18 7.58 19.98 17.05
N GLY A 19 7.35 20.64 15.92
CA GLY A 19 8.35 20.75 14.88
C GLY A 19 8.70 19.43 14.25
N PHE A 20 7.69 18.62 13.92
CA PHE A 20 7.91 17.28 13.38
C PHE A 20 8.23 17.33 11.90
N ARG A 21 9.31 16.66 11.49
CA ARG A 21 9.59 16.51 10.08
C ARG A 21 10.53 15.34 9.85
N LEU A 22 10.56 14.89 8.59
CA LEU A 22 11.42 13.78 8.20
C LEU A 22 12.72 14.31 7.64
N GLY A 23 13.75 13.49 7.74
CA GLY A 23 14.98 13.74 7.01
C GLY A 23 15.61 12.43 6.56
N PHE A 24 16.44 12.53 5.54
CA PHE A 24 17.16 11.36 5.05
C PHE A 24 18.66 11.64 5.10
N LEU A 25 19.41 10.66 5.59
CA LEU A 25 20.87 10.72 5.55
C LEU A 25 21.40 10.59 4.14
N HIS A 26 22.37 11.44 3.81
CA HIS A 26 22.98 11.49 2.49
C HIS A 26 23.65 10.17 2.09
N VAL A 33 24.25 0.84 -3.67
CA VAL A 33 23.33 1.26 -2.62
C VAL A 33 22.00 0.50 -2.71
N THR A 34 21.37 0.32 -1.56
CA THR A 34 20.07 -0.32 -1.47
C THR A 34 18.93 0.68 -1.35
N SER A 35 19.22 1.92 -0.94
CA SER A 35 18.23 2.98 -0.98
C SER A 35 18.94 4.31 -1.09
N THR A 36 18.28 5.26 -1.74
CA THR A 36 18.86 6.59 -1.88
C THR A 36 17.71 7.58 -2.06
N TYR A 37 17.84 8.72 -1.42
CA TYR A 37 16.80 9.75 -1.42
C TYR A 37 17.21 10.93 -2.29
N SER A 38 16.29 11.36 -3.15
CA SER A 38 16.49 12.53 -4.00
C SER A 38 15.84 13.75 -3.37
N PRO A 39 16.60 14.71 -2.85
CA PRO A 39 15.98 15.93 -2.33
C PRO A 39 15.24 16.73 -3.41
N ALA A 40 15.77 16.77 -4.62
CA ALA A 40 15.15 17.55 -5.68
C ALA A 40 13.78 17.00 -6.04
N LEU A 41 13.63 15.68 -5.99
CA LEU A 41 12.35 15.04 -6.31
C LEU A 41 11.53 14.72 -5.08
N ASN A 42 12.08 14.91 -3.87
CA ASN A 42 11.49 14.42 -2.62
C ASN A 42 11.04 12.97 -2.79
N LYS A 43 11.98 12.13 -3.20
CA LYS A 43 11.64 10.79 -3.63
C LYS A 43 12.69 9.80 -3.16
N LEU A 44 12.22 8.75 -2.50
CA LEU A 44 13.06 7.66 -2.05
C LEU A 44 13.06 6.58 -3.12
N PHE A 45 14.26 6.16 -3.51
CA PHE A 45 14.46 5.05 -4.43
C PHE A 45 15.07 3.92 -3.65
N CYS A 46 14.44 2.74 -3.70
CA CYS A 46 14.97 1.65 -2.89
C CYS A 46 14.76 0.32 -3.57
N GLN A 47 15.53 -0.66 -3.12
CA GLN A 47 15.38 -2.04 -3.54
C GLN A 47 14.26 -2.73 -2.77
N LEU A 48 13.85 -3.87 -3.30
CA LEU A 48 12.80 -4.68 -2.69
C LEU A 48 13.25 -5.23 -1.35
N ALA A 49 12.44 -4.99 -0.31
CA ALA A 49 12.59 -5.62 0.99
C ALA A 49 13.91 -5.29 1.66
N LYS A 50 14.51 -4.16 1.30
CA LYS A 50 15.75 -3.72 1.94
C LYS A 50 15.46 -2.60 2.91
N THR A 51 16.35 -2.46 3.88
CA THR A 51 16.20 -1.44 4.93
C THR A 51 16.28 -0.04 4.35
N CYS A 52 15.27 0.77 4.65
CA CYS A 52 15.24 2.19 4.31
C CYS A 52 15.21 3.00 5.59
N PRO A 53 16.35 3.57 6.02
CA PRO A 53 16.34 4.41 7.24
C PRO A 53 15.73 5.77 6.95
N VAL A 54 14.76 6.15 7.77
CA VAL A 54 14.15 7.48 7.72
C VAL A 54 14.38 8.12 9.08
N GLN A 55 14.89 9.35 9.09
CA GLN A 55 15.11 10.06 10.35
C GLN A 55 13.88 10.89 10.67
N LEU A 56 13.42 10.80 11.91
CA LEU A 56 12.33 11.64 12.41
C LEU A 56 12.91 12.70 13.31
N TRP A 57 12.48 13.94 13.13
CA TRP A 57 12.97 15.06 13.91
C TRP A 57 11.83 15.79 14.61
N VAL A 58 12.08 16.25 15.83
CA VAL A 58 11.20 17.17 16.53
C VAL A 58 12.05 18.28 17.13
N ASP A 59 11.41 19.42 17.35
CA ASP A 59 12.03 20.52 18.08
C ASP A 59 11.70 20.50 19.57
N SER A 60 10.64 19.81 19.96
CA SER A 60 10.30 19.65 21.36
CA SER A 60 10.26 19.66 21.36
C SER A 60 9.65 18.28 21.54
N THR A 61 9.76 17.76 22.75
CA THR A 61 9.28 16.41 23.01
C THR A 61 7.77 16.35 22.98
N PRO A 62 7.18 15.46 22.19
CA PRO A 62 5.72 15.29 22.19
C PRO A 62 5.25 14.62 23.47
N PRO A 63 3.96 14.70 23.78
CA PRO A 63 3.46 14.13 25.04
C PRO A 63 3.58 12.62 25.03
N PRO A 64 3.47 11.97 26.18
CA PRO A 64 3.50 10.50 26.21
C PRO A 64 2.33 9.93 25.43
N GLY A 65 2.53 8.73 24.90
CA GLY A 65 1.48 8.05 24.16
C GLY A 65 1.40 8.38 22.70
N THR A 66 2.36 9.13 22.15
CA THR A 66 2.32 9.41 20.72
C THR A 66 2.74 8.18 19.92
N ARG A 67 2.39 8.20 18.65
CA ARG A 67 2.72 7.12 17.74
C ARG A 67 3.07 7.73 16.40
N VAL A 68 3.87 7.00 15.63
CA VAL A 68 4.22 7.38 14.26
C VAL A 68 3.64 6.35 13.31
N ARG A 69 2.82 6.82 12.39
CA ARG A 69 2.14 5.97 11.44
C ARG A 69 2.68 6.19 10.02
N ALA A 70 2.87 5.11 9.28
CA ALA A 70 3.25 5.18 7.86
C ALA A 70 2.17 4.52 7.01
N MET A 71 1.82 5.17 5.92
CA MET A 71 0.79 4.69 5.00
C MET A 71 1.21 5.06 3.59
N ALA A 72 0.88 4.22 2.63
CA ALA A 72 1.14 4.54 1.23
C ALA A 72 -0.16 4.85 0.52
N ILE A 73 -0.13 5.82 -0.39
CA ILE A 73 -1.23 6.08 -1.32
C ILE A 73 -0.65 6.26 -2.71
N TYR A 74 -1.49 5.99 -3.72
CA TYR A 74 -1.06 6.31 -5.07
C TYR A 74 -1.01 7.83 -5.25
N LYS A 75 -0.04 8.27 -6.03
CA LYS A 75 0.19 9.70 -6.22
C LYS A 75 -0.83 10.32 -7.18
N GLN A 76 -1.25 9.58 -8.20
CA GLN A 76 -2.15 10.12 -9.21
C GLN A 76 -3.60 10.08 -8.73
N SER A 77 -4.33 11.16 -9.03
CA SER A 77 -5.70 11.28 -8.51
CA SER A 77 -5.70 11.28 -8.52
C SER A 77 -6.58 10.11 -8.95
N GLN A 78 -6.45 9.66 -10.20
CA GLN A 78 -7.33 8.58 -10.66
C GLN A 78 -7.04 7.26 -10.00
N HIS A 79 -5.96 7.17 -9.21
CA HIS A 79 -5.66 5.95 -8.47
C HIS A 79 -5.70 6.14 -6.97
N MET A 80 -5.96 7.35 -6.49
CA MET A 80 -5.81 7.63 -5.07
C MET A 80 -6.76 6.81 -4.19
N THR A 81 -7.95 6.44 -4.69
CA THR A 81 -8.84 5.65 -3.85
C THR A 81 -8.44 4.18 -3.77
N GLU A 82 -7.55 3.72 -4.65
CA GLU A 82 -7.18 2.32 -4.63
C GLU A 82 -6.21 2.06 -3.48
N VAL A 83 -6.55 1.11 -2.61
CA VAL A 83 -5.67 0.77 -1.50
C VAL A 83 -4.35 0.23 -2.03
N VAL A 84 -3.25 0.82 -1.59
CA VAL A 84 -1.92 0.32 -1.96
C VAL A 84 -1.64 -0.95 -1.17
N ARG A 85 -1.34 -2.03 -1.87
CA ARG A 85 -1.06 -3.28 -1.19
C ARG A 85 -0.14 -4.11 -2.06
N ARG A 86 0.34 -5.22 -1.51
CA ARG A 86 1.21 -6.07 -2.30
C ARG A 86 0.42 -6.79 -3.39
N CYS A 87 1.13 -7.14 -4.45
CA CYS A 87 0.51 -7.89 -5.52
C CYS A 87 0.15 -9.28 -5.02
N PRO A 88 -0.82 -9.92 -5.65
CA PRO A 88 -1.26 -11.23 -5.15
C PRO A 88 -0.15 -12.26 -5.08
N HIS A 89 0.77 -12.26 -6.05
CA HIS A 89 1.82 -13.27 -6.03
C HIS A 89 2.73 -13.11 -4.82
N HIS A 90 3.15 -11.87 -4.52
CA HIS A 90 4.01 -11.68 -3.37
C HIS A 90 3.24 -11.95 -2.07
N GLU A 91 1.95 -11.59 -2.02
CA GLU A 91 1.16 -11.89 -0.85
C GLU A 91 1.08 -13.39 -0.60
N ARG A 92 0.77 -14.16 -1.66
CA ARG A 92 0.60 -15.60 -1.50
C ARG A 92 1.91 -16.33 -1.23
N SER A 93 3.01 -15.79 -1.72
CA SER A 93 4.30 -16.45 -1.58
C SER A 93 4.97 -16.13 -0.25
N SER A 94 4.34 -15.29 0.55
CA SER A 94 4.95 -14.82 1.79
C SER A 94 5.15 -15.98 2.76
N ASP A 95 6.25 -15.92 3.52
CA ASP A 95 6.46 -16.91 4.57
C ASP A 95 5.51 -16.69 5.74
N SER A 96 5.06 -15.44 5.94
CA SER A 96 4.23 -15.07 7.09
C SER A 96 4.88 -15.54 8.39
N ASP A 97 6.20 -15.29 8.49
CA ASP A 97 7.00 -15.68 9.64
C ASP A 97 7.22 -14.54 10.62
N GLY A 98 6.92 -13.31 10.24
CA GLY A 98 7.22 -12.19 11.09
C GLY A 98 6.00 -11.58 11.73
N LEU A 99 6.03 -10.26 11.85
CA LEU A 99 4.91 -9.51 12.40
C LEU A 99 4.01 -8.96 11.31
N ALA A 100 4.53 -8.73 10.13
CA ALA A 100 3.73 -8.05 9.11
C ALA A 100 2.78 -9.02 8.44
N PRO A 101 1.50 -8.69 8.33
CA PRO A 101 0.62 -9.48 7.47
C PRO A 101 1.11 -9.45 6.04
N PRO A 102 0.90 -10.52 5.28
CA PRO A 102 1.56 -10.65 3.97
C PRO A 102 1.07 -9.69 2.93
N GLN A 103 -0.06 -9.04 3.13
CA GLN A 103 -0.57 -8.12 2.13
C GLN A 103 0.00 -6.72 2.28
N HIS A 104 0.65 -6.40 3.40
CA HIS A 104 1.10 -5.03 3.62
C HIS A 104 2.33 -4.69 2.81
N LEU A 105 2.28 -3.55 2.12
CA LEU A 105 3.44 -3.09 1.37
C LEU A 105 4.56 -2.62 2.28
N ILE A 106 4.24 -1.83 3.31
CA ILE A 106 5.26 -1.19 4.15
C ILE A 106 5.42 -1.98 5.44
N ARG A 107 6.65 -2.38 5.76
CA ARG A 107 6.96 -2.98 7.04
C ARG A 107 7.91 -2.08 7.81
N VAL A 108 7.93 -2.25 9.14
CA VAL A 108 8.96 -1.66 9.98
C VAL A 108 9.85 -2.78 10.48
N GLU A 109 11.15 -2.61 10.30
CA GLU A 109 12.17 -3.59 10.67
C GLU A 109 12.74 -3.25 12.04
N GLY A 110 13.01 -4.29 12.84
CA GLY A 110 13.80 -4.09 14.04
C GLY A 110 13.07 -3.47 15.21
N ASN A 111 11.75 -3.60 15.28
CA ASN A 111 11.01 -3.03 16.39
C ASN A 111 9.86 -3.98 16.75
N LEU A 112 10.00 -4.67 17.88
CA LEU A 112 9.01 -5.66 18.28
C LEU A 112 7.71 -5.04 18.76
N ARG A 113 7.62 -3.71 18.87
CA ARG A 113 6.40 -3.04 19.29
C ARG A 113 5.57 -2.51 18.11
N VAL A 114 5.98 -2.79 16.88
CA VAL A 114 5.22 -2.32 15.73
C VAL A 114 3.83 -2.95 15.70
N GLU A 115 2.82 -2.17 15.30
CA GLU A 115 1.49 -2.73 15.07
C GLU A 115 1.09 -2.48 13.63
N TYR A 116 0.53 -3.50 12.99
CA TYR A 116 0.02 -3.40 11.64
C TYR A 116 -1.49 -3.21 11.67
N LEU A 117 -1.99 -2.22 10.94
CA LEU A 117 -3.38 -1.80 11.00
C LEU A 117 -4.03 -1.99 9.64
N ASP A 118 -5.32 -2.37 9.68
CA ASP A 118 -6.16 -2.52 8.50
C ASP A 118 -7.45 -1.80 8.84
N ASP A 119 -7.66 -0.63 8.26
CA ASP A 119 -8.73 0.26 8.74
C ASP A 119 -10.09 -0.27 8.36
N ARG A 120 -10.99 -0.28 9.35
CA ARG A 120 -12.13 -1.09 9.06
C ARG A 120 -13.07 -0.36 8.09
N ASN A 121 -13.04 0.97 8.11
CA ASN A 121 -13.85 1.87 7.31
C ASN A 121 -13.15 2.34 6.03
N THR A 122 -11.87 2.72 6.10
CA THR A 122 -11.19 3.23 4.90
C THR A 122 -10.50 2.16 4.08
N PHE A 123 -10.29 0.97 4.65
CA PHE A 123 -9.64 -0.18 4.04
C PHE A 123 -8.14 0.02 3.88
N ARG A 124 -7.58 1.11 4.40
CA ARG A 124 -6.17 1.40 4.21
C ARG A 124 -5.32 0.59 5.18
N HIS A 125 -4.17 0.13 4.70
CA HIS A 125 -3.16 -0.47 5.57
C HIS A 125 -2.26 0.62 6.12
N SER A 126 -1.78 0.41 7.33
CA SER A 126 -0.71 1.27 7.84
C SER A 126 0.07 0.49 8.88
N VAL A 127 1.23 1.03 9.21
CA VAL A 127 2.10 0.43 10.21
C VAL A 127 2.46 1.52 11.21
N VAL A 128 2.29 1.22 12.50
CA VAL A 128 2.46 2.21 13.56
C VAL A 128 3.55 1.75 14.52
N VAL A 129 4.38 2.70 14.92
CA VAL A 129 5.39 2.51 15.95
C VAL A 129 4.96 3.36 17.14
N PRO A 130 4.62 2.75 18.28
CA PRO A 130 4.29 3.56 19.46
C PRO A 130 5.56 4.15 20.02
N CYS A 131 5.50 5.41 20.41
CA CYS A 131 6.69 6.09 20.91
C CYS A 131 6.82 5.81 22.39
N GLU A 132 8.01 5.38 22.74
CA GLU A 132 8.40 5.14 24.11
C GLU A 132 8.94 6.43 24.70
N PRO A 133 8.82 6.67 26.01
CA PRO A 133 9.42 7.88 26.57
C PRO A 133 10.88 7.98 26.20
N PRO A 134 11.29 9.06 25.55
CA PRO A 134 12.67 9.15 25.07
C PRO A 134 13.63 9.57 26.18
N GLU A 135 14.85 9.06 26.10
CA GLU A 135 15.90 9.53 26.99
C GLU A 135 16.15 11.02 26.76
N VAL A 136 16.63 11.72 27.79
CA VAL A 136 16.65 13.18 27.74
C VAL A 136 17.49 13.70 26.57
N GLY A 137 17.07 14.86 26.03
CA GLY A 137 17.72 15.58 24.95
C GLY A 137 17.64 14.91 23.61
N SER A 138 16.75 13.94 23.48
CA SER A 138 16.74 13.04 22.33
C SER A 138 15.80 13.66 21.27
N ASP A 139 16.37 14.31 20.24
CA ASP A 139 15.56 15.08 19.30
C ASP A 139 15.36 14.39 17.96
N SER A 140 15.96 13.23 17.75
CA SER A 140 15.88 12.55 16.47
C SER A 140 15.87 11.06 16.73
N THR A 141 15.22 10.32 15.84
CA THR A 141 15.32 8.87 15.88
C THR A 141 15.24 8.35 14.46
N THR A 142 15.61 7.08 14.30
CA THR A 142 15.59 6.43 13.01
C THR A 142 14.55 5.33 13.03
N ILE A 143 13.66 5.32 12.02
CA ILE A 143 12.77 4.20 11.77
C ILE A 143 13.23 3.52 10.48
N HIS A 144 13.27 2.20 10.50
CA HIS A 144 13.72 1.40 9.35
C HIS A 144 12.50 0.80 8.67
N TYR A 145 12.18 1.31 7.49
CA TYR A 145 11.05 0.81 6.72
C TYR A 145 11.53 -0.15 5.64
N ASN A 146 10.65 -1.07 5.27
CA ASN A 146 10.87 -2.00 4.16
C ASN A 146 9.70 -1.89 3.22
N TYR A 147 9.94 -1.90 1.90
CA TYR A 147 8.88 -1.94 0.90
C TYR A 147 8.87 -3.29 0.22
N MET A 148 7.72 -3.97 0.21
CA MET A 148 7.69 -5.41 -0.05
C MET A 148 7.21 -5.80 -1.45
N CYS A 149 7.06 -4.84 -2.36
CA CYS A 149 6.80 -5.08 -3.78
C CYS A 149 7.61 -4.06 -4.55
N TYR A 150 7.95 -4.40 -5.79
CA TYR A 150 8.47 -3.40 -6.70
C TYR A 150 7.36 -2.47 -7.15
N SER A 151 7.72 -1.22 -7.45
CA SER A 151 6.77 -0.32 -8.09
C SER A 151 6.19 -0.94 -9.35
N SER A 152 6.98 -1.78 -10.04
CA SER A 152 6.56 -2.38 -11.30
C SER A 152 5.70 -3.62 -11.14
N CYS A 153 5.54 -4.16 -9.92
CA CYS A 153 4.81 -5.42 -9.75
C CYS A 153 3.49 -5.35 -10.49
N MET A 154 3.35 -6.13 -11.56
CA MET A 154 2.23 -5.92 -12.45
C MET A 154 0.89 -6.20 -11.79
N GLY A 155 0.85 -7.07 -10.78
CA GLY A 155 -0.39 -7.36 -10.10
C GLY A 155 -0.72 -6.44 -8.95
N GLY A 156 0.16 -5.49 -8.65
CA GLY A 156 -0.02 -4.57 -7.55
C GLY A 156 0.14 -3.13 -8.00
N MET A 157 1.24 -2.49 -7.59
CA MET A 157 1.41 -1.08 -7.94
C MET A 157 1.48 -0.86 -9.44
N ASN A 158 1.99 -1.83 -10.20
CA ASN A 158 1.93 -1.84 -11.66
C ASN A 158 2.38 -0.51 -12.26
N ARG A 159 3.56 -0.06 -11.83
CA ARG A 159 4.29 1.10 -12.35
C ARG A 159 3.64 2.43 -11.96
N ARG A 160 2.69 2.41 -11.03
CA ARG A 160 2.09 3.67 -10.58
C ARG A 160 2.89 4.22 -9.41
N PRO A 161 3.25 5.50 -9.44
CA PRO A 161 4.00 6.08 -8.31
CA PRO A 161 3.99 6.07 -8.31
C PRO A 161 3.14 6.15 -7.05
N ILE A 162 3.81 5.98 -5.91
CA ILE A 162 3.15 6.09 -4.62
C ILE A 162 3.83 7.15 -3.79
N LEU A 163 3.09 7.63 -2.79
CA LEU A 163 3.60 8.50 -1.73
C LEU A 163 3.52 7.72 -0.43
N THR A 164 4.55 7.85 0.39
CA THR A 164 4.45 7.42 1.78
C THR A 164 4.15 8.65 2.62
N ILE A 165 3.12 8.54 3.45
CA ILE A 165 2.72 9.63 4.33
C ILE A 165 3.04 9.20 5.75
N ILE A 166 3.84 9.98 6.46
CA ILE A 166 4.23 9.68 7.83
C ILE A 166 3.53 10.68 8.72
N THR A 167 2.76 10.17 9.69
CA THR A 167 2.07 11.08 10.60
C THR A 167 2.50 10.81 12.04
N LEU A 168 2.58 11.88 12.81
CA LEU A 168 2.75 11.82 14.25
C LEU A 168 1.39 12.07 14.89
N GLU A 169 0.94 11.15 15.73
CA GLU A 169 -0.42 11.20 16.26
C GLU A 169 -0.33 11.08 17.78
N ASP A 170 -1.18 11.83 18.49
CA ASP A 170 -1.15 11.68 19.95
C ASP A 170 -2.06 10.55 20.39
N SER A 171 -2.13 10.33 21.71
CA SER A 171 -2.84 9.16 22.22
C SER A 171 -4.34 9.19 21.94
N SER A 172 -4.94 10.36 21.89
CA SER A 172 -6.34 10.44 21.52
C SER A 172 -6.57 10.69 20.03
N GLY A 173 -5.56 10.43 19.19
CA GLY A 173 -5.74 10.37 17.76
C GLY A 173 -5.58 11.65 17.01
N ASN A 174 -5.36 12.76 17.71
CA ASN A 174 -5.16 14.03 17.05
C ASN A 174 -3.86 14.02 16.25
N LEU A 175 -3.90 14.67 15.10
CA LEU A 175 -2.73 14.80 14.25
C LEU A 175 -1.78 15.83 14.85
N LEU A 176 -0.54 15.42 15.12
CA LEU A 176 0.47 16.35 15.60
C LEU A 176 1.42 16.81 14.51
N GLY A 177 1.63 16.00 13.46
CA GLY A 177 2.52 16.39 12.39
C GLY A 177 2.37 15.43 11.23
N ARG A 178 2.79 15.89 10.05
CA ARG A 178 2.70 15.09 8.84
C ARG A 178 3.85 15.46 7.91
N ASP A 179 4.44 14.45 7.29
CA ASP A 179 5.42 14.68 6.23
C ASP A 179 5.23 13.55 5.24
N SER A 180 5.85 13.69 4.06
CA SER A 180 5.64 12.67 3.05
C SER A 180 6.77 12.69 2.03
N PHE A 181 6.87 11.60 1.28
CA PHE A 181 7.85 11.49 0.21
C PHE A 181 7.34 10.47 -0.80
N GLU A 182 7.71 10.66 -2.06
CA GLU A 182 7.42 9.68 -3.10
C GLU A 182 8.38 8.50 -2.97
N VAL A 183 7.95 7.34 -3.49
CA VAL A 183 8.77 6.14 -3.44
C VAL A 183 8.76 5.45 -4.79
N ARG A 184 9.93 5.01 -5.23
CA ARG A 184 10.04 4.03 -6.31
C ARG A 184 10.85 2.86 -5.79
N VAL A 185 10.26 1.67 -5.83
CA VAL A 185 10.95 0.44 -5.45
C VAL A 185 11.34 -0.27 -6.73
N SER A 186 12.64 -0.46 -6.94
CA SER A 186 13.11 -1.12 -8.15
C SER A 186 14.41 -1.84 -7.83
N ALA A 187 14.88 -2.64 -8.78
CA ALA A 187 16.15 -3.33 -8.60
C ALA A 187 17.35 -2.42 -8.77
N SER A 188 17.18 -1.21 -9.31
CA SER A 188 18.30 -0.30 -9.59
C SER A 188 18.00 1.09 -9.05
N PRO A 189 17.97 1.26 -7.73
CA PRO A 189 17.57 2.55 -7.19
C PRO A 189 18.53 3.67 -7.54
N GLY A 190 19.85 3.44 -7.47
CA GLY A 190 20.79 4.49 -7.79
C GLY A 190 20.68 4.96 -9.23
N ARG A 191 20.55 4.02 -10.17
CA ARG A 191 20.39 4.40 -11.58
C ARG A 191 19.07 5.09 -11.83
N ASP A 192 17.98 4.60 -11.22
CA ASP A 192 16.69 5.22 -11.46
C ASP A 192 16.64 6.63 -10.90
N ARG A 193 17.28 6.85 -9.75
CA ARG A 193 17.36 8.20 -9.22
C ARG A 193 18.12 9.10 -10.19
N ARG A 194 19.27 8.63 -10.67
CA ARG A 194 20.03 9.41 -11.65
C ARG A 194 19.18 9.72 -12.88
N THR A 195 18.48 8.70 -13.40
CA THR A 195 17.65 8.89 -14.58
C THR A 195 16.52 9.88 -14.32
N GLU A 196 15.80 9.73 -13.21
CA GLU A 196 14.71 10.66 -12.97
C GLU A 196 15.22 12.06 -12.69
N GLU A 197 16.40 12.18 -12.06
CA GLU A 197 16.96 13.50 -11.80
C GLU A 197 17.49 14.14 -13.08
N GLU A 198 18.02 13.35 -14.01
CA GLU A 198 18.48 13.91 -15.28
C GLU A 198 17.33 14.35 -16.18
N ASN A 199 16.10 13.93 -15.89
CA ASN A 199 14.96 14.22 -16.75
C ASN A 199 14.14 15.42 -16.30
N LEU A 200 14.52 16.08 -15.21
CA LEU A 200 13.77 17.25 -14.77
C LEU A 200 14.36 18.53 -15.36
N ALA B 2 -24.02 14.58 1.91
CA ALA B 2 -22.66 14.66 1.36
C ALA B 2 -22.18 13.28 0.90
N HIS B 3 -22.17 13.05 -0.41
CA HIS B 3 -21.87 11.73 -0.96
C HIS B 3 -20.37 11.57 -1.19
N MET B 4 -19.85 10.40 -0.84
CA MET B 4 -18.44 10.07 -1.03
C MET B 4 -18.33 9.03 -2.14
N SER B 5 -17.57 9.36 -3.17
CA SER B 5 -17.28 8.45 -4.27
C SER B 5 -16.13 7.53 -3.89
N SER B 6 -16.04 6.40 -4.59
CA SER B 6 -14.89 5.52 -4.46
C SER B 6 -13.94 5.66 -5.62
N SER B 7 -14.05 6.75 -6.37
CA SER B 7 -13.11 7.01 -7.44
C SER B 7 -12.94 8.51 -7.57
N VAL B 8 -11.88 8.88 -8.27
CA VAL B 8 -11.59 10.26 -8.62
C VAL B 8 -11.18 10.28 -10.08
N PRO B 9 -11.65 11.23 -10.87
CA PRO B 9 -11.24 11.28 -12.27
C PRO B 9 -9.78 11.70 -12.39
N SER B 10 -9.19 11.34 -13.52
CA SER B 10 -7.89 11.87 -13.86
C SER B 10 -7.98 13.37 -14.14
N GLN B 11 -6.92 14.09 -13.82
CA GLN B 11 -6.82 15.49 -14.20
C GLN B 11 -5.68 15.74 -15.16
N LYS B 12 -5.20 14.68 -15.81
CA LYS B 12 -4.06 14.78 -16.73
C LYS B 12 -4.46 15.58 -17.96
N THR B 13 -3.76 16.68 -18.20
CA THR B 13 -3.99 17.44 -19.41
C THR B 13 -3.61 16.61 -20.62
N TYR B 14 -4.49 16.58 -21.62
CA TYR B 14 -4.33 15.70 -22.77
C TYR B 14 -4.94 16.40 -23.99
N GLN B 15 -4.10 16.85 -24.92
CA GLN B 15 -4.64 17.49 -26.13
C GLN B 15 -5.18 16.47 -27.11
N GLY B 16 -4.60 15.27 -27.15
CA GLY B 16 -5.13 14.24 -28.01
C GLY B 16 -4.94 14.52 -29.50
N SER B 17 -5.60 13.69 -30.29
CA SER B 17 -5.43 13.75 -31.74
CA SER B 17 -5.42 13.75 -31.73
C SER B 17 -5.98 15.03 -32.35
N TYR B 18 -6.91 15.71 -31.69
CA TYR B 18 -7.55 16.89 -32.26
C TYR B 18 -6.98 18.19 -31.69
N GLY B 19 -5.96 18.12 -30.85
CA GLY B 19 -5.38 19.35 -30.31
C GLY B 19 -6.33 20.12 -29.42
N PHE B 20 -7.04 19.42 -28.53
CA PHE B 20 -8.05 20.02 -27.68
C PHE B 20 -7.41 20.75 -26.52
N ARG B 21 -7.81 22.01 -26.33
CA ARG B 21 -7.35 22.74 -25.15
C ARG B 21 -8.31 23.90 -24.90
N LEU B 22 -8.24 24.44 -23.69
CA LEU B 22 -9.11 25.54 -23.31
C LEU B 22 -8.42 26.88 -23.50
N GLY B 23 -9.25 27.90 -23.72
CA GLY B 23 -8.78 29.27 -23.72
C GLY B 23 -9.74 30.13 -22.94
N PHE B 24 -9.21 31.25 -22.46
CA PHE B 24 -9.96 32.17 -21.62
C PHE B 24 -9.79 33.59 -22.14
N LEU B 25 -10.85 34.38 -22.00
CA LEU B 25 -10.78 35.78 -22.37
C LEU B 25 -9.76 36.50 -21.49
N HIS B 26 -9.17 37.55 -22.04
CA HIS B 26 -8.09 38.27 -21.34
C HIS B 26 -8.61 39.02 -20.12
N VAL B 33 -15.38 43.30 -13.28
CA VAL B 33 -15.48 42.05 -14.01
C VAL B 33 -16.35 41.05 -13.24
N THR B 34 -17.01 40.17 -13.99
CA THR B 34 -17.77 39.07 -13.40
C THR B 34 -16.98 37.77 -13.43
N SER B 35 -15.96 37.68 -14.28
CA SER B 35 -15.04 36.55 -14.25
C SER B 35 -13.71 36.99 -14.83
N THR B 36 -12.64 36.36 -14.33
CA THR B 36 -11.30 36.68 -14.81
C THR B 36 -10.44 35.45 -14.61
N TYR B 37 -9.59 35.17 -15.58
CA TYR B 37 -8.76 33.97 -15.58
C TYR B 37 -7.31 34.34 -15.32
N SER B 38 -6.68 33.62 -14.40
CA SER B 38 -5.26 33.82 -14.11
C SER B 38 -4.45 32.74 -14.83
N PRO B 39 -3.69 33.07 -15.89
CA PRO B 39 -2.82 32.06 -16.50
C PRO B 39 -1.77 31.53 -15.54
N ALA B 40 -1.23 32.40 -14.67
CA ALA B 40 -0.16 31.99 -13.77
C ALA B 40 -0.65 30.93 -12.80
N LEU B 41 -1.91 31.05 -12.36
CA LEU B 41 -2.48 30.11 -11.41
C LEU B 41 -3.31 29.02 -12.10
N ASN B 42 -3.54 29.13 -13.41
CA ASN B 42 -4.53 28.34 -14.15
C ASN B 42 -5.83 28.26 -13.36
N LYS B 43 -6.37 29.43 -13.07
CA LYS B 43 -7.47 29.56 -12.12
C LYS B 43 -8.46 30.59 -12.61
N LEU B 44 -9.72 30.20 -12.66
CA LEU B 44 -10.82 31.07 -13.00
C LEU B 44 -11.42 31.64 -11.72
N PHE B 45 -11.57 32.95 -11.67
CA PHE B 45 -12.23 33.61 -10.57
C PHE B 45 -13.53 34.19 -11.09
N CYS B 46 -14.64 33.88 -10.43
CA CYS B 46 -15.91 34.34 -10.98
C CYS B 46 -16.91 34.64 -9.87
N GLN B 47 -17.92 35.41 -10.24
CA GLN B 47 -19.06 35.70 -9.37
C GLN B 47 -20.07 34.57 -9.42
N LEU B 48 -20.95 34.58 -8.43
CA LEU B 48 -22.01 33.59 -8.32
C LEU B 48 -23.00 33.72 -9.47
N ALA B 49 -23.23 32.61 -10.19
CA ALA B 49 -24.31 32.51 -11.18
C ALA B 49 -24.15 33.51 -12.32
N LYS B 50 -22.93 33.93 -12.60
CA LYS B 50 -22.67 34.78 -13.75
C LYS B 50 -22.00 33.96 -14.85
N THR B 51 -22.19 34.41 -16.08
CA THR B 51 -21.64 33.74 -17.26
C THR B 51 -20.13 33.75 -17.24
N CYS B 52 -19.52 32.57 -17.40
CA CYS B 52 -18.08 32.44 -17.56
C CYS B 52 -17.81 31.89 -18.95
N PRO B 53 -17.36 32.71 -19.90
CA PRO B 53 -17.05 32.15 -21.22
C PRO B 53 -15.76 31.36 -21.13
N VAL B 54 -15.84 30.10 -21.55
CA VAL B 54 -14.68 29.23 -21.68
C VAL B 54 -14.58 28.82 -23.13
N GLN B 55 -13.41 29.03 -23.73
CA GLN B 55 -13.22 28.68 -25.12
C GLN B 55 -12.69 27.26 -25.26
N LEU B 56 -13.27 26.52 -26.19
CA LEU B 56 -12.74 25.22 -26.57
C LEU B 56 -12.01 25.41 -27.89
N TRP B 57 -10.79 24.93 -27.96
CA TRP B 57 -9.98 25.04 -29.17
C TRP B 57 -9.60 23.64 -29.61
N VAL B 58 -9.62 23.42 -30.93
CA VAL B 58 -9.06 22.22 -31.53
C VAL B 58 -8.24 22.62 -32.75
N ASP B 59 -7.30 21.75 -33.09
CA ASP B 59 -6.49 21.90 -34.30
C ASP B 59 -7.13 21.20 -35.48
N SER B 60 -7.90 20.14 -35.25
CA SER B 60 -8.66 19.49 -36.30
CA SER B 60 -8.64 19.44 -36.28
C SER B 60 -10.05 19.17 -35.76
N THR B 61 -11.00 19.09 -36.67
CA THR B 61 -12.39 18.90 -36.29
C THR B 61 -12.63 17.46 -35.82
N PRO B 62 -13.23 17.28 -34.64
CA PRO B 62 -13.52 15.93 -34.14
C PRO B 62 -14.67 15.29 -34.90
N PRO B 63 -14.80 13.97 -34.84
CA PRO B 63 -15.85 13.28 -35.62
C PRO B 63 -17.24 13.56 -35.07
N PRO B 64 -18.29 13.23 -35.83
CA PRO B 64 -19.65 13.41 -35.32
C PRO B 64 -19.90 12.57 -34.08
N GLY B 65 -20.80 13.06 -33.22
CA GLY B 65 -21.13 12.38 -31.99
C GLY B 65 -20.23 12.72 -30.83
N THR B 66 -19.30 13.64 -31.01
CA THR B 66 -18.42 14.08 -29.93
C THR B 66 -19.24 14.92 -28.95
N ARG B 67 -18.81 14.92 -27.69
CA ARG B 67 -19.45 15.77 -26.69
C ARG B 67 -18.38 16.32 -25.76
N VAL B 68 -18.74 17.40 -25.06
CA VAL B 68 -17.85 18.03 -24.09
C VAL B 68 -18.51 17.94 -22.72
N ARG B 69 -17.80 17.35 -21.77
CA ARG B 69 -18.31 17.15 -20.41
C ARG B 69 -17.53 18.05 -19.46
N ALA B 70 -18.24 18.67 -18.52
CA ALA B 70 -17.63 19.43 -17.44
C ALA B 70 -18.02 18.82 -16.11
N MET B 71 -17.06 18.71 -15.20
CA MET B 71 -17.27 18.15 -13.88
C MET B 71 -16.34 18.88 -12.92
N ALA B 72 -16.81 19.07 -11.68
CA ALA B 72 -15.98 19.66 -10.65
C ALA B 72 -15.57 18.59 -9.66
N ILE B 73 -14.32 18.69 -9.18
CA ILE B 73 -13.83 17.88 -8.06
C ILE B 73 -13.10 18.80 -7.08
N TYR B 74 -13.04 18.39 -5.82
CA TYR B 74 -12.22 19.13 -4.86
C TYR B 74 -10.74 18.90 -5.19
N LYS B 75 -9.94 19.95 -5.01
CA LYS B 75 -8.54 19.90 -5.37
C LYS B 75 -7.71 19.13 -4.35
N GLN B 76 -8.05 19.23 -3.07
CA GLN B 76 -7.26 18.62 -2.00
C GLN B 76 -7.58 17.14 -1.88
N SER B 77 -6.52 16.33 -1.69
CA SER B 77 -6.70 14.88 -1.68
CA SER B 77 -6.68 14.89 -1.66
C SER B 77 -7.72 14.45 -0.64
N GLN B 78 -7.71 15.06 0.56
CA GLN B 78 -8.61 14.59 1.60
C GLN B 78 -10.06 14.95 1.32
N HIS B 79 -10.32 15.72 0.26
CA HIS B 79 -11.69 16.01 -0.14
C HIS B 79 -12.03 15.47 -1.51
N MET B 80 -11.08 14.85 -2.22
CA MET B 80 -11.32 14.50 -3.61
C MET B 80 -12.48 13.52 -3.78
N THR B 81 -12.73 12.64 -2.80
CA THR B 81 -13.84 11.71 -3.00
C THR B 81 -15.20 12.34 -2.76
N GLU B 82 -15.26 13.51 -2.15
CA GLU B 82 -16.56 14.12 -1.87
C GLU B 82 -17.14 14.73 -3.14
N VAL B 83 -18.37 14.34 -3.47
CA VAL B 83 -19.02 14.89 -4.65
C VAL B 83 -19.23 16.38 -4.47
N VAL B 84 -18.75 17.16 -5.44
CA VAL B 84 -18.98 18.61 -5.43
C VAL B 84 -20.43 18.87 -5.81
N ARG B 85 -21.16 19.58 -4.95
CA ARG B 85 -22.55 19.89 -5.22
C ARG B 85 -22.91 21.21 -4.56
N ARG B 86 -24.12 21.68 -4.85
CA ARG B 86 -24.52 22.93 -4.22
C ARG B 86 -24.85 22.70 -2.75
N CYS B 87 -24.73 23.79 -1.98
CA CYS B 87 -25.08 23.71 -0.58
C CYS B 87 -26.60 23.50 -0.45
N PRO B 88 -27.04 22.90 0.64
CA PRO B 88 -28.48 22.63 0.76
C PRO B 88 -29.33 23.88 0.66
N HIS B 89 -28.88 25.00 1.20
CA HIS B 89 -29.73 26.18 1.15
C HIS B 89 -29.94 26.66 -0.28
N HIS B 90 -28.88 26.70 -1.08
CA HIS B 90 -29.04 27.12 -2.47
C HIS B 90 -29.85 26.09 -3.25
N GLU B 91 -29.65 24.80 -2.95
CA GLU B 91 -30.45 23.78 -3.62
C GLU B 91 -31.94 23.97 -3.33
N ARG B 92 -32.29 24.15 -2.04
CA ARG B 92 -33.71 24.24 -1.68
C ARG B 92 -34.33 25.54 -2.17
N SER B 93 -33.53 26.60 -2.29
CA SER B 93 -34.05 27.91 -2.68
C SER B 93 -34.15 28.07 -4.18
N SER B 94 -33.75 27.07 -4.95
CA SER B 94 -33.73 27.17 -6.39
C SER B 94 -35.12 27.34 -6.97
N ASP B 95 -35.22 28.14 -8.03
CA ASP B 95 -36.49 28.26 -8.75
C ASP B 95 -36.80 26.99 -9.54
N SER B 96 -35.77 26.25 -9.93
CA SER B 96 -35.93 25.05 -10.77
C SER B 96 -36.80 25.35 -11.99
N ASP B 97 -36.50 26.46 -12.65
CA ASP B 97 -37.20 26.87 -13.86
C ASP B 97 -36.44 26.54 -15.13
N GLY B 98 -35.18 26.10 -15.01
CA GLY B 98 -34.39 25.87 -16.19
C GLY B 98 -34.19 24.41 -16.51
N LEU B 99 -33.01 24.09 -17.02
CA LEU B 99 -32.64 22.72 -17.34
C LEU B 99 -31.85 22.05 -16.23
N ALA B 100 -31.16 22.83 -15.41
CA ALA B 100 -30.24 22.24 -14.45
C ALA B 100 -31.00 21.76 -13.22
N PRO B 101 -30.78 20.53 -12.79
CA PRO B 101 -31.27 20.14 -11.47
C PRO B 101 -30.67 21.02 -10.41
N PRO B 102 -31.41 21.31 -9.34
CA PRO B 102 -31.00 22.35 -8.39
C PRO B 102 -29.76 22.01 -7.58
N GLN B 103 -29.34 20.76 -7.55
CA GLN B 103 -28.16 20.38 -6.78
C GLN B 103 -26.87 20.55 -7.57
N HIS B 104 -26.93 20.76 -8.89
CA HIS B 104 -25.72 20.82 -9.69
C HIS B 104 -25.00 22.15 -9.51
N LEU B 105 -23.70 22.08 -9.28
CA LEU B 105 -22.90 23.30 -9.16
C LEU B 105 -22.73 23.98 -10.51
N ILE B 106 -22.38 23.21 -11.55
CA ILE B 106 -22.02 23.78 -12.85
C ILE B 106 -23.21 23.71 -13.79
N ARG B 107 -23.57 24.84 -14.37
CA ARG B 107 -24.57 24.91 -15.43
C ARG B 107 -23.93 25.38 -16.72
N VAL B 108 -24.58 25.05 -17.84
CA VAL B 108 -24.28 25.63 -19.13
C VAL B 108 -25.45 26.52 -19.51
N GLU B 109 -25.16 27.77 -19.86
CA GLU B 109 -26.19 28.69 -20.31
C GLU B 109 -26.20 28.80 -21.83
N GLY B 110 -27.38 29.06 -22.37
CA GLY B 110 -27.50 29.38 -23.78
C GLY B 110 -27.36 28.20 -24.71
N ASN B 111 -27.63 27.00 -24.24
CA ASN B 111 -27.55 25.83 -25.11
C ASN B 111 -28.66 24.85 -24.72
N LEU B 112 -29.67 24.75 -25.57
CA LEU B 112 -30.82 23.94 -25.26
C LEU B 112 -30.57 22.45 -25.41
N ARG B 113 -29.39 22.04 -25.87
CA ARG B 113 -29.10 20.61 -26.01
C ARG B 113 -28.25 20.07 -24.87
N VAL B 114 -27.99 20.87 -23.83
CA VAL B 114 -27.17 20.39 -22.73
C VAL B 114 -27.91 19.29 -21.96
N GLU B 115 -27.18 18.29 -21.48
CA GLU B 115 -27.76 17.28 -20.61
C GLU B 115 -27.03 17.27 -19.27
N TYR B 116 -27.80 17.18 -18.19
CA TYR B 116 -27.25 17.09 -16.85
C TYR B 116 -27.25 15.64 -16.41
N LEU B 117 -26.11 15.18 -15.91
CA LEU B 117 -25.88 13.78 -15.60
C LEU B 117 -25.56 13.59 -14.13
N ASP B 118 -26.00 12.47 -13.58
CA ASP B 118 -25.75 12.06 -12.21
C ASP B 118 -25.32 10.60 -12.27
N ASP B 119 -24.02 10.38 -12.04
CA ASP B 119 -23.41 9.09 -12.37
C ASP B 119 -23.83 8.04 -11.39
N ARG B 120 -24.19 6.94 -12.01
CA ARG B 120 -24.93 6.07 -11.16
C ARG B 120 -24.01 5.28 -10.22
N ASN B 121 -22.74 5.07 -10.61
CA ASN B 121 -21.69 4.38 -9.88
C ASN B 121 -20.77 5.33 -9.13
N THR B 122 -20.37 6.44 -9.77
CA THR B 122 -19.43 7.35 -9.11
C THR B 122 -20.09 8.45 -8.29
N PHE B 123 -21.40 8.69 -8.49
CA PHE B 123 -22.20 9.70 -7.82
C PHE B 123 -21.88 11.12 -8.27
N ARG B 124 -20.99 11.28 -9.25
CA ARG B 124 -20.56 12.60 -9.68
C ARG B 124 -21.57 13.25 -10.60
N HIS B 125 -21.74 14.56 -10.44
CA HIS B 125 -22.54 15.34 -11.37
C HIS B 125 -21.67 15.78 -12.53
N SER B 126 -22.28 15.89 -13.71
CA SER B 126 -21.57 16.54 -14.80
C SER B 126 -22.60 17.13 -15.74
N VAL B 127 -22.12 18.00 -16.62
CA VAL B 127 -22.97 18.62 -17.61
C VAL B 127 -22.30 18.43 -18.97
N VAL B 128 -23.07 17.93 -19.95
CA VAL B 128 -22.53 17.55 -21.24
C VAL B 128 -23.19 18.39 -22.32
N VAL B 129 -22.37 18.88 -23.26
CA VAL B 129 -22.79 19.60 -24.45
C VAL B 129 -22.48 18.71 -25.64
N PRO B 130 -23.48 18.23 -26.37
CA PRO B 130 -23.20 17.45 -27.58
C PRO B 130 -22.75 18.32 -28.72
N CYS B 131 -21.71 17.84 -29.40
CA CYS B 131 -21.15 18.48 -30.57
C CYS B 131 -21.79 17.95 -31.82
N GLU B 132 -22.27 18.85 -32.60
CA GLU B 132 -22.77 18.97 -33.94
C GLU B 132 -21.82 19.60 -34.94
N PRO B 133 -20.55 19.21 -34.97
CA PRO B 133 -19.52 19.98 -35.66
C PRO B 133 -19.61 19.85 -37.17
N PRO B 134 -19.26 20.91 -37.92
CA PRO B 134 -19.15 20.79 -39.38
C PRO B 134 -18.06 19.80 -39.77
N GLU B 135 -17.86 19.58 -41.08
CA GLU B 135 -16.74 18.76 -41.51
C GLU B 135 -15.42 19.52 -41.41
N VAL B 136 -15.44 20.80 -41.74
CA VAL B 136 -14.32 21.71 -41.46
C VAL B 136 -14.90 22.83 -40.61
N GLY B 137 -14.84 22.67 -39.29
CA GLY B 137 -15.43 23.62 -38.37
C GLY B 137 -14.43 24.64 -37.85
N SER B 138 -14.89 25.42 -36.88
CA SER B 138 -14.12 26.54 -36.37
C SER B 138 -12.95 26.03 -35.53
N ASP B 139 -11.93 26.88 -35.41
CA ASP B 139 -10.85 26.58 -34.49
C ASP B 139 -11.35 26.54 -33.06
N SER B 140 -12.46 27.24 -32.78
CA SER B 140 -12.83 27.54 -31.42
C SER B 140 -14.35 27.65 -31.30
N THR B 141 -14.83 27.40 -30.10
CA THR B 141 -16.19 27.72 -29.73
C THR B 141 -16.15 28.14 -28.28
N THR B 142 -17.20 28.82 -27.84
CA THR B 142 -17.28 29.28 -26.46
C THR B 142 -18.46 28.59 -25.80
N ILE B 143 -18.22 28.01 -24.62
CA ILE B 143 -19.28 27.49 -23.78
C ILE B 143 -19.42 28.43 -22.60
N HIS B 144 -20.65 28.78 -22.26
CA HIS B 144 -20.89 29.70 -21.15
C HIS B 144 -21.27 28.87 -19.94
N TYR B 145 -20.35 28.75 -18.98
CA TYR B 145 -20.59 28.02 -17.76
C TYR B 145 -21.03 28.99 -16.67
N ASN B 146 -21.83 28.48 -15.74
CA ASN B 146 -22.24 29.20 -14.54
C ASN B 146 -21.92 28.34 -13.34
N TYR B 147 -21.42 28.96 -12.27
CA TYR B 147 -21.17 28.28 -11.00
C TYR B 147 -22.17 28.77 -9.98
N MET B 148 -22.89 27.83 -9.36
CA MET B 148 -24.14 28.18 -8.68
C MET B 148 -24.01 28.23 -7.16
N CYS B 149 -22.81 28.15 -6.63
CA CYS B 149 -22.52 28.39 -5.23
C CYS B 149 -21.22 29.16 -5.14
N TYR B 150 -21.06 29.94 -4.07
CA TYR B 150 -19.74 30.46 -3.77
C TYR B 150 -18.83 29.37 -3.26
N SER B 151 -17.52 29.53 -3.50
CA SER B 151 -16.56 28.62 -2.89
C SER B 151 -16.71 28.58 -1.39
N SER B 152 -17.15 29.68 -0.78
CA SER B 152 -17.28 29.79 0.67
C SER B 152 -18.58 29.21 1.22
N CYS B 153 -19.54 28.82 0.37
CA CYS B 153 -20.84 28.35 0.86
C CYS B 153 -20.64 27.32 1.97
N MET B 154 -21.03 27.67 3.20
CA MET B 154 -20.63 26.83 4.32
C MET B 154 -21.28 25.45 4.27
N GLY B 155 -22.44 25.32 3.64
CA GLY B 155 -23.08 24.04 3.54
C GLY B 155 -22.64 23.19 2.36
N GLY B 156 -21.77 23.73 1.52
CA GLY B 156 -21.31 23.03 0.33
C GLY B 156 -19.81 23.02 0.21
N MET B 157 -19.26 23.78 -0.74
CA MET B 157 -17.81 23.77 -0.93
C MET B 157 -17.05 24.23 0.30
N ASN B 158 -17.63 25.14 1.09
CA ASN B 158 -17.12 25.48 2.43
C ASN B 158 -15.63 25.82 2.40
N ARG B 159 -15.27 26.73 1.48
CA ARG B 159 -13.94 27.32 1.31
C ARG B 159 -12.93 26.34 0.73
N ARG B 160 -13.33 25.14 0.34
CA ARG B 160 -12.41 24.19 -0.28
C ARG B 160 -12.27 24.48 -1.76
N PRO B 161 -11.05 24.57 -2.28
CA PRO B 161 -10.89 24.84 -3.72
C PRO B 161 -11.32 23.66 -4.56
N ILE B 162 -11.82 23.98 -5.76
CA ILE B 162 -12.24 22.95 -6.70
C ILE B 162 -11.48 23.11 -8.01
N LEU B 163 -11.47 22.02 -8.77
CA LEU B 163 -11.01 22.00 -10.15
C LEU B 163 -12.21 21.70 -11.03
N THR B 164 -12.29 22.39 -12.16
CA THR B 164 -13.21 21.97 -13.22
C THR B 164 -12.41 21.20 -14.24
N ILE B 165 -12.90 20.00 -14.57
CA ILE B 165 -12.24 19.14 -15.56
C ILE B 165 -13.15 19.11 -16.78
N ILE B 166 -12.61 19.49 -17.93
CA ILE B 166 -13.36 19.50 -19.19
C ILE B 166 -12.81 18.40 -20.07
N THR B 167 -13.66 17.47 -20.47
CA THR B 167 -13.24 16.37 -21.32
CA THR B 167 -13.29 16.33 -21.28
C THR B 167 -13.99 16.39 -22.64
N LEU B 168 -13.23 16.11 -23.69
CA LEU B 168 -13.78 15.88 -25.02
C LEU B 168 -13.92 14.37 -25.18
N GLU B 169 -15.13 13.91 -25.49
CA GLU B 169 -15.42 12.48 -25.49
C GLU B 169 -16.11 12.09 -26.80
N ASP B 170 -15.87 10.87 -27.25
CA ASP B 170 -16.60 10.40 -28.42
C ASP B 170 -17.94 9.80 -27.98
N SER B 171 -18.73 9.33 -28.95
CA SER B 171 -20.09 8.92 -28.64
C SER B 171 -20.13 7.71 -27.71
N SER B 172 -19.08 6.87 -27.74
CA SER B 172 -19.02 5.70 -26.86
C SER B 172 -18.56 6.06 -25.47
N GLY B 173 -18.22 7.31 -25.25
CA GLY B 173 -17.64 7.74 -24.03
C GLY B 173 -16.11 7.73 -23.95
N ASN B 174 -15.38 7.32 -24.98
CA ASN B 174 -13.91 7.30 -24.94
C ASN B 174 -13.33 8.71 -24.85
N LEU B 175 -12.19 8.82 -24.16
CA LEU B 175 -11.52 10.11 -23.96
C LEU B 175 -10.81 10.58 -25.23
N LEU B 176 -11.18 11.75 -25.71
CA LEU B 176 -10.45 12.35 -26.83
C LEU B 176 -9.51 13.46 -26.39
N GLY B 177 -9.81 14.14 -25.29
CA GLY B 177 -8.97 15.24 -24.82
C GLY B 177 -9.41 15.64 -23.44
N ARG B 178 -8.49 16.31 -22.72
CA ARG B 178 -8.80 16.73 -21.35
C ARG B 178 -8.05 18.02 -21.04
N ASP B 179 -8.73 18.93 -20.35
CA ASP B 179 -8.06 20.12 -19.81
C ASP B 179 -8.77 20.44 -18.51
N SER B 180 -8.19 21.34 -17.73
CA SER B 180 -8.79 21.63 -16.43
C SER B 180 -8.30 22.98 -15.95
N PHE B 181 -8.99 23.50 -14.94
CA PHE B 181 -8.60 24.76 -14.32
C PHE B 181 -9.18 24.81 -12.92
N GLU B 182 -8.48 25.49 -12.02
CA GLU B 182 -9.03 25.73 -10.70
C GLU B 182 -10.11 26.81 -10.77
N VAL B 183 -11.04 26.79 -9.81
CA VAL B 183 -12.11 27.80 -9.77
C VAL B 183 -12.24 28.34 -8.35
N ARG B 184 -12.39 29.65 -8.24
CA ARG B 184 -12.86 30.27 -7.01
C ARG B 184 -14.08 31.12 -7.37
N VAL B 185 -15.21 30.83 -6.74
CA VAL B 185 -16.42 31.62 -6.92
C VAL B 185 -16.53 32.53 -5.72
N SER B 186 -16.52 33.84 -5.94
CA SER B 186 -16.62 34.78 -4.83
C SER B 186 -17.28 36.05 -5.31
N ALA B 187 -17.60 36.92 -4.36
CA ALA B 187 -18.24 38.18 -4.73
C ALA B 187 -17.27 39.18 -5.33
N SER B 188 -15.96 38.98 -5.20
CA SER B 188 -14.95 39.91 -5.69
C SER B 188 -13.87 39.17 -6.46
N PRO B 189 -14.20 38.65 -7.64
CA PRO B 189 -13.22 37.83 -8.36
C PRO B 189 -11.98 38.57 -8.78
N GLY B 190 -12.11 39.81 -9.25
CA GLY B 190 -10.92 40.55 -9.68
C GLY B 190 -9.96 40.80 -8.52
N ARG B 191 -10.52 41.19 -7.38
CA ARG B 191 -9.71 41.40 -6.18
C ARG B 191 -9.08 40.11 -5.68
N ASP B 192 -9.84 39.01 -5.66
CA ASP B 192 -9.30 37.74 -5.17
C ASP B 192 -8.19 37.23 -6.09
N ARG B 193 -8.33 37.44 -7.40
CA ARG B 193 -7.26 37.05 -8.31
C ARG B 193 -5.98 37.81 -7.99
N ARG B 194 -6.07 39.13 -7.84
CA ARG B 194 -4.87 39.91 -7.56
C ARG B 194 -4.22 39.47 -6.27
N THR B 195 -5.02 39.26 -5.22
CA THR B 195 -4.49 38.79 -3.94
C THR B 195 -3.75 37.47 -4.10
N GLU B 196 -4.36 36.50 -4.77
CA GLU B 196 -3.71 35.20 -4.94
C GLU B 196 -2.49 35.32 -5.86
N GLU B 197 -2.53 36.23 -6.84
CA GLU B 197 -1.39 36.41 -7.72
C GLU B 197 -0.24 37.12 -7.03
N GLU B 198 -0.53 38.04 -6.09
CA GLU B 198 0.55 38.70 -5.38
C GLU B 198 1.17 37.79 -4.32
N ASN B 199 0.50 36.71 -3.94
CA ASN B 199 1.03 35.76 -2.96
C ASN B 199 1.80 34.61 -3.58
N LEU B 200 2.10 34.66 -4.88
CA LEU B 200 2.93 33.62 -5.48
C LEU B 200 4.36 34.12 -5.64
N ALA C 2 4.90 -5.97 -32.24
CA ALA C 2 4.58 -5.05 -33.33
C ALA C 2 5.50 -3.82 -33.31
N HIS C 3 6.26 -3.65 -32.24
CA HIS C 3 7.05 -2.44 -32.04
C HIS C 3 8.47 -2.63 -32.57
N MET C 4 8.98 -1.59 -33.24
CA MET C 4 10.29 -1.60 -33.86
C MET C 4 11.21 -0.67 -33.08
N SER C 5 12.32 -1.22 -32.59
CA SER C 5 13.32 -0.46 -31.89
C SER C 5 14.25 0.22 -32.88
N SER C 6 14.94 1.27 -32.42
CA SER C 6 16.00 1.90 -33.20
C SER C 6 17.38 1.47 -32.74
N SER C 7 17.47 0.38 -31.99
CA SER C 7 18.75 -0.17 -31.60
C SER C 7 18.61 -1.67 -31.46
N VAL C 8 19.75 -2.34 -31.42
CA VAL C 8 19.85 -3.78 -31.18
C VAL C 8 20.96 -3.97 -30.16
N PRO C 9 20.79 -4.83 -29.17
CA PRO C 9 21.88 -5.07 -28.23
C PRO C 9 23.03 -5.79 -28.89
N SER C 10 24.21 -5.64 -28.29
CA SER C 10 25.33 -6.46 -28.69
C SER C 10 25.08 -7.92 -28.32
N GLN C 11 25.63 -8.82 -29.13
CA GLN C 11 25.57 -10.24 -28.82
C GLN C 11 26.97 -10.82 -28.62
N LYS C 12 27.97 -9.97 -28.39
CA LYS C 12 29.35 -10.42 -28.25
C LYS C 12 29.56 -11.16 -26.93
N THR C 13 29.98 -12.42 -27.01
CA THR C 13 30.30 -13.14 -25.79
C THR C 13 31.49 -12.48 -25.08
N TYR C 14 31.36 -12.30 -23.77
CA TYR C 14 32.32 -11.50 -23.01
C TYR C 14 32.38 -12.08 -21.59
N GLN C 15 33.48 -12.72 -21.22
CA GLN C 15 33.58 -13.22 -19.85
C GLN C 15 33.88 -12.11 -18.85
N GLY C 16 34.60 -11.07 -19.27
CA GLY C 16 34.84 -9.96 -18.37
C GLY C 16 35.78 -10.33 -17.23
N SER C 17 35.87 -9.41 -16.28
CA SER C 17 36.82 -9.54 -15.18
CA SER C 17 36.83 -9.55 -15.20
C SER C 17 36.46 -10.66 -14.22
N TYR C 18 35.19 -11.07 -14.17
CA TYR C 18 34.77 -12.07 -13.20
C TYR C 18 34.61 -13.46 -13.81
N GLY C 19 34.97 -13.63 -15.08
CA GLY C 19 34.90 -14.93 -15.72
C GLY C 19 33.48 -15.44 -15.86
N PHE C 20 32.56 -14.58 -16.28
CA PHE C 20 31.14 -14.91 -16.37
C PHE C 20 30.85 -15.70 -17.64
N ARG C 21 30.16 -16.82 -17.48
CA ARG C 21 29.67 -17.55 -18.65
C ARG C 21 28.53 -18.47 -18.23
N LEU C 22 27.76 -18.90 -19.23
CA LEU C 22 26.63 -19.78 -19.03
C LEU C 22 27.04 -21.21 -19.32
N GLY C 23 26.33 -22.15 -18.70
CA GLY C 23 26.45 -23.54 -19.08
C GLY C 23 25.13 -24.26 -18.94
N PHE C 24 24.99 -25.36 -19.66
CA PHE C 24 23.79 -26.17 -19.55
C PHE C 24 24.14 -27.59 -19.13
N LEU C 25 23.39 -28.12 -18.17
CA LEU C 25 23.46 -29.53 -17.82
C LEU C 25 22.78 -30.38 -18.90
N HIS C 26 22.75 -31.69 -18.67
CA HIS C 26 22.06 -32.61 -19.59
C HIS C 26 21.20 -33.60 -18.82
N VAL C 33 11.60 -35.35 -22.61
CA VAL C 33 12.26 -34.17 -22.09
C VAL C 33 11.43 -32.91 -22.34
N THR C 34 11.56 -31.95 -21.42
CA THR C 34 10.91 -30.65 -21.56
C THR C 34 11.86 -29.57 -22.06
N SER C 35 13.17 -29.77 -21.91
CA SER C 35 14.13 -28.85 -22.52
C SER C 35 15.45 -29.59 -22.71
N THR C 36 16.17 -29.20 -23.76
CA THR C 36 17.43 -29.85 -24.07
C THR C 36 18.29 -28.86 -24.86
N TYR C 37 19.58 -28.83 -24.54
CA TYR C 37 20.49 -27.88 -25.15
C TYR C 37 21.41 -28.59 -26.12
N SER C 38 21.55 -28.03 -27.33
CA SER C 38 22.46 -28.54 -28.34
C SER C 38 23.76 -27.76 -28.30
N PRO C 39 24.86 -28.34 -27.84
CA PRO C 39 26.14 -27.60 -27.88
C PRO C 39 26.58 -27.25 -29.30
N ALA C 40 26.35 -28.16 -30.25
CA ALA C 40 26.80 -27.91 -31.62
C ALA C 40 26.11 -26.70 -32.23
N LEU C 41 24.83 -26.49 -31.89
CA LEU C 41 24.06 -25.37 -32.39
C LEU C 41 24.05 -24.18 -31.45
N ASN C 42 24.59 -24.32 -30.24
CA ASN C 42 24.42 -23.37 -29.15
C ASN C 42 22.96 -22.93 -29.07
N LYS C 43 22.09 -23.93 -28.94
CA LYS C 43 20.67 -23.72 -29.08
C LYS C 43 19.90 -24.52 -28.06
N LEU C 44 19.02 -23.84 -27.33
CA LEU C 44 18.15 -24.47 -26.35
C LEU C 44 16.82 -24.80 -27.01
N PHE C 45 16.38 -26.03 -26.88
CA PHE C 45 15.08 -26.46 -27.37
C PHE C 45 14.19 -26.74 -26.16
N CYS C 46 13.01 -26.13 -26.12
CA CYS C 46 12.21 -26.31 -24.92
C CYS C 46 10.73 -26.30 -25.26
N GLN C 47 9.95 -26.84 -24.33
CA GLN C 47 8.49 -26.78 -24.43
C GLN C 47 7.98 -25.44 -23.91
N LEU C 48 6.74 -25.16 -24.23
CA LEU C 48 6.09 -23.93 -23.80
C LEU C 48 5.92 -23.90 -22.28
N ALA C 49 6.40 -22.82 -21.66
CA ALA C 49 6.15 -22.53 -20.25
C ALA C 49 6.69 -23.60 -19.31
N LYS C 50 7.71 -24.32 -19.75
CA LYS C 50 8.36 -25.30 -18.89
C LYS C 50 9.69 -24.75 -18.38
N THR C 51 10.13 -25.27 -17.25
CA THR C 51 11.36 -24.81 -16.61
C THR C 51 12.58 -25.12 -17.48
N CYS C 52 13.39 -24.09 -17.74
CA CYS C 52 14.68 -24.24 -18.42
C CYS C 52 15.79 -23.81 -17.49
N PRO C 53 16.50 -24.75 -16.86
CA PRO C 53 17.61 -24.37 -15.98
C PRO C 53 18.84 -23.95 -16.78
N VAL C 54 19.37 -22.78 -16.45
CA VAL C 54 20.61 -22.28 -17.03
C VAL C 54 21.60 -22.11 -15.88
N GLN C 55 22.80 -22.66 -16.03
CA GLN C 55 23.81 -22.53 -15.00
C GLN C 55 24.65 -21.29 -15.29
N LEU C 56 24.86 -20.47 -14.26
CA LEU C 56 25.73 -19.30 -14.36
C LEU C 56 27.03 -19.60 -13.65
N TRP C 57 28.15 -19.28 -14.28
CA TRP C 57 29.47 -19.50 -13.71
C TRP C 57 30.25 -18.21 -13.63
N VAL C 58 31.02 -18.03 -12.54
CA VAL C 58 32.03 -16.98 -12.43
C VAL C 58 33.32 -17.60 -11.88
N ASP C 59 34.43 -16.93 -12.17
CA ASP C 59 35.71 -17.30 -11.58
C ASP C 59 36.00 -16.56 -10.29
N SER C 60 35.47 -15.34 -10.15
CA SER C 60 35.61 -14.59 -8.92
CA SER C 60 35.62 -14.57 -8.93
C SER C 60 34.29 -13.89 -8.62
N THR C 61 34.10 -13.56 -7.36
CA THR C 61 32.81 -13.01 -6.93
C THR C 61 32.65 -11.59 -7.43
N PRO C 62 31.54 -11.28 -8.11
CA PRO C 62 31.30 -9.90 -8.54
C PRO C 62 30.95 -9.03 -7.35
N PRO C 63 31.05 -7.71 -7.47
CA PRO C 63 30.78 -6.84 -6.33
C PRO C 63 29.32 -6.89 -5.93
N PRO C 64 28.97 -6.40 -4.75
CA PRO C 64 27.56 -6.35 -4.39
C PRO C 64 26.79 -5.44 -5.33
N GLY C 65 25.50 -5.73 -5.49
CA GLY C 65 24.64 -4.96 -6.35
C GLY C 65 24.62 -5.39 -7.80
N THR C 66 25.27 -6.50 -8.13
CA THR C 66 25.19 -6.95 -9.51
C THR C 66 23.83 -7.58 -9.78
N ARG C 67 23.52 -7.71 -11.06
CA ARG C 67 22.27 -8.35 -11.46
C ARG C 67 22.52 -9.08 -12.76
N VAL C 68 21.62 -10.03 -13.05
CA VAL C 68 21.66 -10.81 -14.30
C VAL C 68 20.41 -10.48 -15.08
N ARG C 69 20.59 -10.00 -16.31
CA ARG C 69 19.48 -9.61 -17.18
C ARG C 69 19.36 -10.61 -18.32
N ALA C 70 18.12 -10.99 -18.64
CA ALA C 70 17.85 -11.81 -19.82
C ALA C 70 16.92 -11.05 -20.77
N MET C 71 17.24 -11.12 -22.05
CA MET C 71 16.50 -10.42 -23.10
C MET C 71 16.52 -11.31 -24.33
N ALA C 72 15.44 -11.28 -25.11
CA ALA C 72 15.42 -12.01 -26.38
C ALA C 72 15.47 -11.01 -27.53
N ILE C 73 16.17 -11.38 -28.59
CA ILE C 73 16.13 -10.66 -29.87
C ILE C 73 15.97 -11.68 -30.98
N TYR C 74 15.43 -11.21 -32.11
CA TYR C 74 15.40 -12.05 -33.30
C TYR C 74 16.81 -12.21 -33.84
N LYS C 75 17.10 -13.41 -34.33
CA LYS C 75 18.44 -13.75 -34.80
C LYS C 75 18.75 -13.13 -36.15
N GLN C 76 17.75 -13.05 -37.05
CA GLN C 76 17.98 -12.56 -38.40
C GLN C 76 17.99 -11.03 -38.44
N SER C 77 18.93 -10.46 -39.18
CA SER C 77 19.09 -9.01 -39.20
C SER C 77 17.80 -8.30 -39.57
N GLN C 78 17.05 -8.84 -40.54
CA GLN C 78 15.87 -8.11 -40.99
C GLN C 78 14.76 -8.13 -39.95
N HIS C 79 14.92 -8.88 -38.86
CA HIS C 79 13.96 -8.86 -37.77
C HIS C 79 14.52 -8.32 -36.48
N MET C 80 15.81 -7.96 -36.45
CA MET C 80 16.46 -7.65 -35.19
C MET C 80 15.84 -6.45 -34.48
N THR C 81 15.29 -5.50 -35.23
CA THR C 81 14.71 -4.34 -34.56
C THR C 81 13.32 -4.62 -33.99
N GLU C 82 12.68 -5.72 -34.37
CA GLU C 82 11.35 -5.99 -33.85
C GLU C 82 11.44 -6.52 -32.42
N VAL C 83 10.73 -5.88 -31.49
CA VAL C 83 10.75 -6.33 -30.11
C VAL C 83 10.15 -7.73 -30.02
N VAL C 84 10.89 -8.65 -29.41
CA VAL C 84 10.38 -10.00 -29.17
C VAL C 84 9.37 -9.93 -28.04
N ARG C 85 8.15 -10.42 -28.29
CA ARG C 85 7.14 -10.42 -27.24
C ARG C 85 6.17 -11.56 -27.50
N ARG C 86 5.24 -11.74 -26.58
CA ARG C 86 4.27 -12.79 -26.79
C ARG C 86 3.26 -12.38 -27.85
N CYS C 87 2.67 -13.40 -28.48
CA CYS C 87 1.63 -13.14 -29.46
C CYS C 87 0.41 -12.55 -28.76
N PRO C 88 -0.41 -11.78 -29.49
CA PRO C 88 -1.56 -11.15 -28.83
C PRO C 88 -2.49 -12.13 -28.15
N HIS C 89 -2.70 -13.31 -28.75
CA HIS C 89 -3.63 -14.25 -28.14
C HIS C 89 -3.12 -14.74 -26.79
N HIS C 90 -1.84 -15.10 -26.71
CA HIS C 90 -1.30 -15.54 -25.44
C HIS C 90 -1.26 -14.41 -24.43
N GLU C 91 -0.97 -13.18 -24.90
CA GLU C 91 -0.98 -12.04 -23.99
C GLU C 91 -2.38 -11.82 -23.40
N ARG C 92 -3.41 -11.82 -24.25
CA ARG C 92 -4.77 -11.55 -23.79
C ARG C 92 -5.33 -12.68 -22.95
N SER C 93 -4.89 -13.91 -23.16
CA SER C 93 -5.41 -15.06 -22.46
C SER C 93 -4.72 -15.30 -21.12
N SER C 94 -3.74 -14.48 -20.78
CA SER C 94 -2.94 -14.71 -19.58
C SER C 94 -3.78 -14.59 -18.32
N ASP C 95 -3.47 -15.43 -17.32
CA ASP C 95 -4.12 -15.29 -16.02
C ASP C 95 -3.62 -14.07 -15.25
N SER C 96 -2.39 -13.61 -15.54
CA SER C 96 -1.79 -12.46 -14.84
C SER C 96 -1.87 -12.63 -13.33
N ASP C 97 -1.54 -13.82 -12.86
CA ASP C 97 -1.53 -14.14 -11.44
C ASP C 97 -0.13 -14.13 -10.84
N GLY C 98 0.91 -14.01 -11.65
CA GLY C 98 2.25 -14.08 -11.11
C GLY C 98 2.94 -12.73 -11.05
N LEU C 99 4.24 -12.73 -11.31
CA LEU C 99 5.02 -11.50 -11.37
C LEU C 99 5.20 -11.00 -12.79
N ALA C 100 5.13 -11.86 -13.76
CA ALA C 100 5.46 -11.43 -15.12
C ALA C 100 4.29 -10.71 -15.77
N PRO C 101 4.52 -9.53 -16.36
CA PRO C 101 3.48 -8.94 -17.19
C PRO C 101 3.16 -9.86 -18.35
N PRO C 102 1.91 -9.85 -18.82
CA PRO C 102 1.47 -10.89 -19.77
C PRO C 102 2.11 -10.81 -21.13
N GLN C 103 2.76 -9.70 -21.50
CA GLN C 103 3.37 -9.59 -22.81
C GLN C 103 4.79 -10.14 -22.86
N HIS C 104 5.41 -10.41 -21.71
CA HIS C 104 6.81 -10.81 -21.70
C HIS C 104 6.99 -12.26 -22.14
N LEU C 105 7.91 -12.48 -23.07
CA LEU C 105 8.20 -13.84 -23.50
C LEU C 105 8.95 -14.62 -22.43
N ILE C 106 9.96 -14.02 -21.81
CA ILE C 106 10.83 -14.72 -20.88
C ILE C 106 10.42 -14.42 -19.44
N ARG C 107 10.22 -15.48 -18.66
CA ARG C 107 9.96 -15.36 -17.23
C ARG C 107 11.08 -16.04 -16.47
N VAL C 108 11.24 -15.63 -15.22
CA VAL C 108 12.09 -16.35 -14.27
C VAL C 108 11.18 -17.01 -13.26
N GLU C 109 11.42 -18.29 -13.02
CA GLU C 109 10.65 -19.09 -12.09
C GLU C 109 11.39 -19.20 -10.77
N GLY C 110 10.65 -19.16 -9.66
CA GLY C 110 11.23 -19.51 -8.38
C GLY C 110 12.11 -18.46 -7.75
N ASN C 111 11.93 -17.20 -8.08
CA ASN C 111 12.73 -16.13 -7.48
C ASN C 111 11.84 -14.92 -7.27
N LEU C 112 11.51 -14.64 -6.03
CA LEU C 112 10.59 -13.55 -5.72
C LEU C 112 11.21 -12.17 -5.86
N ARG C 113 12.50 -12.07 -6.18
CA ARG C 113 13.16 -10.78 -6.33
C ARG C 113 13.28 -10.33 -7.77
N VAL C 114 12.77 -11.11 -8.72
CA VAL C 114 12.90 -10.74 -10.13
C VAL C 114 12.10 -9.49 -10.45
N GLU C 115 12.64 -8.65 -11.32
CA GLU C 115 11.91 -7.50 -11.81
C GLU C 115 11.79 -7.59 -13.32
N TYR C 116 10.60 -7.29 -13.82
CA TYR C 116 10.33 -7.25 -15.25
C TYR C 116 10.39 -5.81 -15.74
N LEU C 117 11.14 -5.61 -16.82
CA LEU C 117 11.46 -4.29 -17.32
C LEU C 117 10.94 -4.11 -18.74
N ASP C 118 10.50 -2.90 -19.05
CA ASP C 118 10.03 -2.51 -20.39
C ASP C 118 10.75 -1.20 -20.69
N ASP C 119 11.77 -1.22 -21.54
CA ASP C 119 12.62 -0.04 -21.65
C ASP C 119 11.87 1.08 -22.39
N ARG C 120 11.75 2.24 -21.75
CA ARG C 120 11.05 3.36 -22.42
C ARG C 120 11.77 3.87 -23.66
N ASN C 121 13.07 3.68 -23.80
CA ASN C 121 13.73 4.18 -24.99
C ASN C 121 13.88 3.13 -26.07
N THR C 122 14.31 1.91 -25.74
CA THR C 122 14.51 0.86 -26.75
C THR C 122 13.29 -0.01 -26.98
N PHE C 123 12.30 0.03 -26.09
CA PHE C 123 11.07 -0.73 -26.14
C PHE C 123 11.29 -2.21 -25.83
N ARG C 124 12.51 -2.62 -25.47
CA ARG C 124 12.81 -4.02 -25.24
C ARG C 124 12.34 -4.47 -23.87
N HIS C 125 11.83 -5.70 -23.83
CA HIS C 125 11.51 -6.34 -22.55
C HIS C 125 12.73 -7.06 -22.01
N SER C 126 12.85 -7.08 -20.68
CA SER C 126 13.87 -7.92 -20.10
C SER C 126 13.44 -8.32 -18.70
N VAL C 127 14.11 -9.32 -18.16
CA VAL C 127 13.83 -9.76 -16.80
C VAL C 127 15.16 -9.80 -16.06
N VAL C 128 15.19 -9.21 -14.87
CA VAL C 128 16.42 -9.03 -14.12
C VAL C 128 16.31 -9.75 -12.80
N VAL C 129 17.37 -10.46 -12.44
CA VAL C 129 17.51 -11.12 -11.15
C VAL C 129 18.60 -10.39 -10.38
N PRO C 130 18.28 -9.72 -9.27
CA PRO C 130 19.32 -9.10 -8.46
C PRO C 130 20.07 -10.18 -7.73
N CYS C 131 21.39 -10.06 -7.72
CA CYS C 131 22.22 -11.07 -7.07
C CYS C 131 22.35 -10.76 -5.59
N GLU C 132 22.11 -11.77 -4.77
CA GLU C 132 22.35 -11.69 -3.34
C GLU C 132 23.76 -12.15 -3.05
N PRO C 133 24.28 -11.85 -1.86
CA PRO C 133 25.59 -12.38 -1.48
C PRO C 133 25.62 -13.88 -1.67
N PRO C 134 26.67 -14.40 -2.31
CA PRO C 134 26.72 -15.83 -2.61
C PRO C 134 27.11 -16.64 -1.38
N GLU C 135 26.72 -17.90 -1.41
CA GLU C 135 27.25 -18.87 -0.45
C GLU C 135 28.78 -18.84 -0.51
N VAL C 136 29.42 -19.01 0.65
CA VAL C 136 30.88 -19.10 0.65
C VAL C 136 31.32 -20.25 -0.25
N GLY C 137 32.29 -19.97 -1.16
CA GLY C 137 32.86 -20.93 -2.09
C GLY C 137 32.03 -21.17 -3.33
N SER C 138 30.90 -20.51 -3.40
CA SER C 138 29.91 -20.83 -4.40
C SER C 138 30.25 -20.06 -5.71
N ASP C 139 30.64 -20.79 -6.77
CA ASP C 139 31.02 -20.16 -8.03
C ASP C 139 30.01 -20.41 -9.14
N SER C 140 28.89 -21.05 -8.84
CA SER C 140 27.88 -21.37 -9.83
C SER C 140 26.50 -21.22 -9.21
N THR C 141 25.52 -20.87 -10.03
CA THR C 141 24.14 -20.91 -9.59
C THR C 141 23.28 -21.27 -10.79
N THR C 142 22.02 -21.61 -10.50
CA THR C 142 21.05 -21.95 -11.54
C THR C 142 19.95 -20.91 -11.55
N ILE C 143 19.64 -20.38 -12.74
CA ILE C 143 18.42 -19.58 -12.95
C ILE C 143 17.47 -20.39 -13.81
N HIS C 144 16.20 -20.38 -13.46
CA HIS C 144 15.17 -21.13 -14.16
C HIS C 144 14.33 -20.19 -15.01
N TYR C 145 14.50 -20.28 -16.32
CA TYR C 145 13.74 -19.45 -17.24
C TYR C 145 12.55 -20.22 -17.81
N ASN C 146 11.50 -19.49 -18.19
CA ASN C 146 10.33 -20.04 -18.89
C ASN C 146 10.13 -19.22 -20.14
N TYR C 147 9.79 -19.88 -21.26
CA TYR C 147 9.44 -19.18 -22.50
C TYR C 147 7.95 -19.35 -22.76
N MET C 148 7.24 -18.24 -22.98
CA MET C 148 5.79 -18.23 -22.82
C MET C 148 5.04 -18.21 -24.14
N CYS C 149 5.72 -18.39 -25.26
CA CYS C 149 5.10 -18.59 -26.56
C CYS C 149 5.91 -19.64 -27.29
N TYR C 150 5.27 -20.36 -28.21
CA TYR C 150 6.03 -21.18 -29.12
C TYR C 150 6.76 -20.32 -30.13
N SER C 151 7.91 -20.82 -30.61
CA SER C 151 8.55 -20.15 -31.72
C SER C 151 7.60 -20.00 -32.91
N SER C 152 6.66 -20.95 -33.06
CA SER C 152 5.75 -20.93 -34.19
C SER C 152 4.55 -20.01 -34.01
N CYS C 153 4.34 -19.42 -32.83
CA CYS C 153 3.14 -18.62 -32.59
C CYS C 153 2.93 -17.58 -33.69
N MET C 154 1.89 -17.76 -34.49
CA MET C 154 1.71 -16.84 -35.59
C MET C 154 1.36 -15.48 -34.97
N GLY C 155 1.77 -14.40 -35.60
CA GLY C 155 1.42 -13.20 -34.88
C GLY C 155 2.26 -12.91 -33.64
N GLY C 156 3.18 -13.80 -33.26
CA GLY C 156 4.24 -13.43 -32.34
C GLY C 156 5.56 -13.75 -33.03
N MET C 157 6.33 -14.70 -32.50
CA MET C 157 7.61 -15.00 -33.14
C MET C 157 7.45 -15.56 -34.55
N ASN C 158 6.34 -16.23 -34.83
CA ASN C 158 5.97 -16.65 -36.19
C ASN C 158 7.11 -17.34 -36.92
N ARG C 159 7.73 -18.31 -36.25
CA ARG C 159 8.73 -19.22 -36.78
C ARG C 159 10.08 -18.56 -36.95
N ARG C 160 10.25 -17.34 -36.48
CA ARG C 160 11.55 -16.68 -36.58
C ARG C 160 12.42 -17.06 -35.40
N PRO C 161 13.64 -17.52 -35.63
CA PRO C 161 14.52 -17.89 -34.50
CA PRO C 161 14.50 -17.88 -34.49
C PRO C 161 14.86 -16.68 -33.66
N ILE C 162 15.05 -16.93 -32.36
CA ILE C 162 15.47 -15.89 -31.43
C ILE C 162 16.76 -16.30 -30.75
N LEU C 163 17.45 -15.30 -30.21
CA LEU C 163 18.59 -15.45 -29.31
C LEU C 163 18.16 -14.93 -27.94
N THR C 164 18.55 -15.64 -26.89
CA THR C 164 18.48 -15.09 -25.55
C THR C 164 19.85 -14.58 -25.19
N ILE C 165 19.92 -13.32 -24.75
CA ILE C 165 21.18 -12.70 -24.36
C ILE C 165 21.13 -12.52 -22.85
N ILE C 166 22.13 -13.07 -22.16
CA ILE C 166 22.22 -13.00 -20.71
C ILE C 166 23.40 -12.11 -20.37
N THR C 167 23.14 -11.06 -19.62
CA THR C 167 24.19 -10.11 -19.27
CA THR C 167 24.16 -10.08 -19.27
C THR C 167 24.33 -9.99 -17.76
N LEU C 168 25.58 -9.90 -17.31
CA LEU C 168 25.91 -9.60 -15.94
C LEU C 168 26.22 -8.11 -15.88
N GLU C 169 25.51 -7.38 -15.00
CA GLU C 169 25.58 -5.93 -14.96
C GLU C 169 25.83 -5.48 -13.53
N ASP C 170 26.56 -4.36 -13.39
CA ASP C 170 26.77 -3.83 -12.05
C ASP C 170 25.62 -2.90 -11.66
N SER C 171 25.70 -2.34 -10.45
CA SER C 171 24.60 -1.54 -9.93
C SER C 171 24.38 -0.27 -10.76
N SER C 172 25.42 0.26 -11.40
CA SER C 172 25.27 1.41 -12.28
C SER C 172 24.97 1.04 -13.75
N GLY C 173 24.73 -0.25 -14.04
CA GLY C 173 24.31 -0.70 -15.35
C GLY C 173 25.43 -1.06 -16.29
N ASN C 174 26.68 -0.89 -15.86
CA ASN C 174 27.82 -1.22 -16.70
C ASN C 174 27.85 -2.72 -16.96
N LEU C 175 28.24 -3.09 -18.17
CA LEU C 175 28.30 -4.47 -18.57
C LEU C 175 29.50 -5.15 -17.94
N LEU C 176 29.28 -6.23 -17.20
CA LEU C 176 30.35 -7.03 -16.63
C LEU C 176 30.63 -8.32 -17.41
N GLY C 177 29.63 -8.87 -18.09
CA GLY C 177 29.82 -10.09 -18.84
C GLY C 177 28.59 -10.33 -19.69
N ARG C 178 28.77 -11.15 -20.73
CA ARG C 178 27.66 -11.45 -21.64
C ARG C 178 27.81 -12.86 -22.20
N ASP C 179 26.69 -13.56 -22.31
CA ASP C 179 26.68 -14.84 -23.02
C ASP C 179 25.32 -14.94 -23.69
N SER C 180 25.16 -15.90 -24.59
CA SER C 180 23.90 -15.98 -25.34
C SER C 180 23.71 -17.38 -25.89
N PHE C 181 22.47 -17.67 -26.28
CA PHE C 181 22.16 -18.94 -26.92
C PHE C 181 20.90 -18.76 -27.75
N GLU C 182 20.79 -19.54 -28.83
CA GLU C 182 19.57 -19.56 -29.61
C GLU C 182 18.49 -20.38 -28.88
N VAL C 183 17.22 -20.09 -29.18
CA VAL C 183 16.10 -20.79 -28.56
C VAL C 183 15.09 -21.19 -29.63
N ARG C 184 14.60 -22.42 -29.53
CA ARG C 184 13.39 -22.83 -30.24
C ARG C 184 12.42 -23.39 -29.22
N VAL C 185 11.24 -22.81 -29.14
CA VAL C 185 10.17 -23.28 -28.25
C VAL C 185 9.18 -24.05 -29.12
N SER C 186 9.02 -25.35 -28.84
CA SER C 186 8.08 -26.15 -29.62
C SER C 186 7.52 -27.24 -28.72
N ALA C 187 6.51 -27.94 -29.24
CA ALA C 187 5.93 -29.03 -28.47
C ALA C 187 6.80 -30.28 -28.46
N SER C 188 7.82 -30.37 -29.30
CA SER C 188 8.68 -31.56 -29.38
C SER C 188 10.15 -31.14 -29.42
N PRO C 189 10.69 -30.66 -28.30
CA PRO C 189 12.07 -30.16 -28.32
C PRO C 189 13.11 -31.23 -28.63
N GLY C 190 12.94 -32.44 -28.08
CA GLY C 190 13.92 -33.49 -28.35
C GLY C 190 13.99 -33.87 -29.82
N ARG C 191 12.83 -34.04 -30.45
CA ARG C 191 12.81 -34.36 -31.87
C ARG C 191 13.33 -33.20 -32.70
N ASP C 192 12.96 -31.96 -32.35
CA ASP C 192 13.42 -30.82 -33.14
C ASP C 192 14.92 -30.62 -33.00
N ARG C 193 15.48 -30.87 -31.82
CA ARG C 193 16.93 -30.82 -31.67
C ARG C 193 17.58 -31.85 -32.57
N ARG C 194 17.09 -33.10 -32.53
CA ARG C 194 17.61 -34.14 -33.40
C ARG C 194 17.55 -33.71 -34.85
N THR C 195 16.40 -33.22 -35.31
CA THR C 195 16.24 -32.81 -36.70
C THR C 195 17.25 -31.73 -37.08
N GLU C 196 17.34 -30.67 -36.28
CA GLU C 196 18.23 -29.57 -36.64
C GLU C 196 19.70 -29.99 -36.57
N GLU C 197 20.04 -30.92 -35.68
CA GLU C 197 21.44 -31.34 -35.60
C GLU C 197 21.84 -32.19 -36.79
N GLU C 198 20.92 -33.00 -37.33
CA GLU C 198 21.26 -33.73 -38.56
C GLU C 198 21.37 -32.82 -39.76
N ASN C 199 20.73 -31.66 -39.73
CA ASN C 199 20.76 -30.76 -40.88
C ASN C 199 22.06 -29.95 -40.93
N HIS D 3 -2.45 -25.15 18.88
CA HIS D 3 -3.02 -26.30 19.59
C HIS D 3 -4.50 -26.08 19.87
N MET D 4 -5.28 -27.13 19.65
CA MET D 4 -6.73 -27.11 19.81
C MET D 4 -7.06 -27.98 21.02
N SER D 5 -7.72 -27.37 22.01
CA SER D 5 -8.17 -28.07 23.19
C SER D 5 -9.48 -28.78 22.90
N SER D 6 -9.81 -29.79 23.71
CA SER D 6 -11.13 -30.41 23.62
C SER D 6 -12.05 -29.96 24.75
N SER D 7 -11.74 -28.84 25.38
CA SER D 7 -12.61 -28.27 26.39
C SER D 7 -12.45 -26.76 26.34
N VAL D 8 -13.41 -26.08 26.96
CA VAL D 8 -13.40 -24.63 27.12
C VAL D 8 -13.78 -24.35 28.57
N PRO D 9 -13.13 -23.42 29.26
CA PRO D 9 -13.54 -23.09 30.62
C PRO D 9 -14.89 -22.40 30.63
N SER D 10 -15.54 -22.49 31.78
CA SER D 10 -16.72 -21.68 32.00
C SER D 10 -16.32 -20.20 32.09
N GLN D 11 -17.22 -19.32 31.65
CA GLN D 11 -16.99 -17.90 31.84
C GLN D 11 -18.06 -17.27 32.72
N LYS D 12 -18.78 -18.07 33.48
CA LYS D 12 -19.87 -17.59 34.32
C LYS D 12 -19.32 -16.78 35.48
N THR D 13 -19.75 -15.52 35.57
CA THR D 13 -19.38 -14.68 36.71
C THR D 13 -19.97 -15.25 38.00
N TYR D 14 -19.14 -15.34 39.03
CA TYR D 14 -19.52 -16.02 40.26
C TYR D 14 -18.80 -15.36 41.41
N GLN D 15 -19.52 -14.59 42.24
CA GLN D 15 -18.85 -13.97 43.37
C GLN D 15 -18.60 -14.97 44.49
N GLY D 16 -19.45 -15.98 44.63
CA GLY D 16 -19.19 -16.99 45.63
C GLY D 16 -19.33 -16.49 47.06
N SER D 17 -18.86 -17.34 47.97
CA SER D 17 -19.04 -17.08 49.39
CA SER D 17 -19.04 -17.07 49.39
C SER D 17 -18.21 -15.90 49.90
N TYR D 18 -17.14 -15.55 49.19
CA TYR D 18 -16.25 -14.48 49.65
C TYR D 18 -16.47 -13.16 48.90
N GLY D 19 -17.49 -13.10 48.05
CA GLY D 19 -17.78 -11.85 47.35
C GLY D 19 -16.67 -11.44 46.40
N PHE D 20 -16.14 -12.39 45.63
CA PHE D 20 -14.99 -12.15 44.77
C PHE D 20 -15.43 -11.42 43.51
N ARG D 21 -14.76 -10.30 43.20
CA ARG D 21 -15.02 -9.61 41.94
C ARG D 21 -13.81 -8.74 41.61
N LEU D 22 -13.75 -8.33 40.35
CA LEU D 22 -12.65 -7.51 39.86
C LEU D 22 -13.01 -6.03 39.91
N GLY D 23 -11.96 -5.22 40.03
CA GLY D 23 -12.12 -3.78 39.88
C GLY D 23 -10.99 -3.26 39.02
N PHE D 24 -11.26 -2.11 38.41
CA PHE D 24 -10.34 -1.48 37.48
C PHE D 24 -10.22 -0.01 37.84
N LEU D 25 -9.04 0.54 37.64
CA LEU D 25 -8.84 1.96 37.87
C LEU D 25 -9.72 2.76 36.91
N HIS D 26 -10.23 3.89 37.38
CA HIS D 26 -11.21 4.65 36.60
C HIS D 26 -10.53 5.61 35.64
N VAL D 33 -1.78 7.15 27.71
CA VAL D 33 -2.17 6.14 28.70
C VAL D 33 -1.78 4.75 28.19
N THR D 34 -1.46 3.85 29.11
CA THR D 34 -1.08 2.49 28.76
C THR D 34 -2.19 1.47 28.93
N SER D 35 -3.21 1.74 29.75
CA SER D 35 -4.36 0.85 29.82
C SER D 35 -5.57 1.63 30.30
N THR D 36 -6.73 1.20 29.85
CA THR D 36 -7.98 1.84 30.25
C THR D 36 -9.09 0.80 30.15
N TYR D 37 -10.00 0.83 31.12
CA TYR D 37 -11.07 -0.15 31.21
C TYR D 37 -12.40 0.50 30.87
N SER D 38 -13.17 -0.16 30.02
CA SER D 38 -14.51 0.28 29.66
C SER D 38 -15.54 -0.52 30.46
N PRO D 39 -16.21 0.08 31.46
CA PRO D 39 -17.29 -0.66 32.14
C PRO D 39 -18.43 -1.04 31.23
N ALA D 40 -18.79 -0.18 30.28
CA ALA D 40 -19.93 -0.47 29.40
C ALA D 40 -19.67 -1.72 28.56
N LEU D 41 -18.42 -1.92 28.14
CA LEU D 41 -18.06 -3.08 27.33
C LEU D 41 -17.47 -4.21 28.17
N ASN D 42 -17.24 -3.99 29.46
CA ASN D 42 -16.45 -4.88 30.32
C ASN D 42 -15.19 -5.35 29.60
N LYS D 43 -14.40 -4.36 29.17
CA LYS D 43 -13.29 -4.60 28.26
C LYS D 43 -12.10 -3.75 28.66
N LEU D 44 -10.96 -4.41 28.79
CA LEU D 44 -9.70 -3.75 29.07
C LEU D 44 -8.98 -3.49 27.77
N PHE D 45 -8.53 -2.25 27.57
CA PHE D 45 -7.73 -1.85 26.43
C PHE D 45 -6.34 -1.52 26.94
N CYS D 46 -5.32 -2.13 26.36
CA CYS D 46 -3.98 -1.90 26.89
C CYS D 46 -2.95 -1.97 25.78
N GLN D 47 -1.78 -1.40 26.08
CA GLN D 47 -0.63 -1.48 25.21
C GLN D 47 0.14 -2.78 25.42
N LEU D 48 1.01 -3.06 24.48
CA LEU D 48 1.83 -4.27 24.52
C LEU D 48 2.82 -4.22 25.68
N ALA D 49 2.80 -5.26 26.51
CA ALA D 49 3.82 -5.49 27.54
C ALA D 49 3.89 -4.36 28.56
N LYS D 50 2.77 -3.67 28.76
CA LYS D 50 2.69 -2.63 29.77
C LYS D 50 1.87 -3.13 30.95
N THR D 51 2.15 -2.57 32.12
CA THR D 51 1.48 -2.95 33.35
C THR D 51 -0.01 -2.63 33.28
N CYS D 52 -0.84 -3.64 33.54
CA CYS D 52 -2.28 -3.46 33.65
C CYS D 52 -2.70 -3.79 35.07
N PRO D 53 -2.99 -2.79 35.90
CA PRO D 53 -3.43 -3.09 37.26
C PRO D 53 -4.87 -3.60 37.24
N VAL D 54 -5.07 -4.78 37.82
CA VAL D 54 -6.39 -5.35 38.00
C VAL D 54 -6.58 -5.55 39.49
N GLN D 55 -7.66 -5.01 40.03
CA GLN D 55 -7.93 -5.15 41.45
C GLN D 55 -8.77 -6.39 41.71
N LEU D 56 -8.38 -7.14 42.74
CA LEU D 56 -9.18 -8.25 43.25
C LEU D 56 -9.87 -7.77 44.51
N TRP D 57 -11.18 -7.97 44.60
CA TRP D 57 -11.95 -7.56 45.77
C TRP D 57 -12.65 -8.76 46.36
N VAL D 58 -12.69 -8.82 47.71
CA VAL D 58 -13.51 -9.79 48.41
C VAL D 58 -14.25 -9.08 49.53
N ASP D 59 -15.36 -9.68 49.95
CA ASP D 59 -16.10 -9.20 51.12
C ASP D 59 -15.63 -9.85 52.39
N SER D 60 -15.11 -11.07 52.31
CA SER D 60 -14.52 -11.76 53.45
CA SER D 60 -14.55 -11.80 53.44
C SER D 60 -13.26 -12.46 52.99
N THR D 61 -12.36 -12.68 53.94
CA THR D 61 -11.05 -13.21 53.61
C THR D 61 -11.14 -14.69 53.27
N PRO D 62 -10.59 -15.11 52.12
CA PRO D 62 -10.61 -16.54 51.77
C PRO D 62 -9.65 -17.33 52.64
N PRO D 63 -9.83 -18.66 52.71
CA PRO D 63 -9.00 -19.49 53.60
C PRO D 63 -7.56 -19.56 53.12
N PRO D 64 -6.63 -20.02 53.96
CA PRO D 64 -5.25 -20.19 53.52
C PRO D 64 -5.16 -21.19 52.38
N GLY D 65 -4.16 -21.01 51.54
CA GLY D 65 -3.97 -21.90 50.41
C GLY D 65 -4.75 -21.51 49.17
N THR D 66 -5.41 -20.36 49.18
CA THR D 66 -6.14 -19.90 48.00
C THR D 66 -5.16 -19.41 46.93
N ARG D 67 -5.57 -19.53 45.67
CA ARG D 67 -4.78 -19.09 44.53
C ARG D 67 -5.69 -18.29 43.61
N VAL D 68 -5.09 -17.35 42.86
CA VAL D 68 -5.79 -16.62 41.81
C VAL D 68 -5.17 -16.98 40.47
N ARG D 69 -5.98 -17.51 39.57
CA ARG D 69 -5.51 -17.95 38.25
C ARG D 69 -6.05 -17.03 37.17
N ALA D 70 -5.21 -16.68 36.19
CA ALA D 70 -5.64 -15.93 35.02
C ALA D 70 -5.37 -16.76 33.78
N MET D 71 -6.35 -16.78 32.87
CA MET D 71 -6.26 -17.54 31.64
C MET D 71 -6.96 -16.74 30.55
N ALA D 72 -6.47 -16.82 29.33
CA ALA D 72 -7.16 -16.19 28.21
C ALA D 72 -7.80 -17.25 27.33
N ILE D 73 -8.99 -16.94 26.81
CA ILE D 73 -9.63 -17.73 25.77
C ILE D 73 -10.12 -16.80 24.68
N TYR D 74 -10.25 -17.34 23.47
CA TYR D 74 -10.89 -16.57 22.41
C TYR D 74 -12.38 -16.44 22.70
N LYS D 75 -12.93 -15.27 22.37
CA LYS D 75 -14.33 -14.96 22.68
C LYS D 75 -15.30 -15.66 21.74
N GLN D 76 -14.95 -15.81 20.48
CA GLN D 76 -15.85 -16.37 19.48
C GLN D 76 -15.83 -17.89 19.55
N SER D 77 -17.03 -18.49 19.44
CA SER D 77 -17.15 -19.93 19.59
CA SER D 77 -17.15 -19.93 19.58
C SER D 77 -16.24 -20.69 18.63
N GLN D 78 -16.13 -20.23 17.36
CA GLN D 78 -15.34 -21.01 16.42
C GLN D 78 -13.86 -20.95 16.70
N HIS D 79 -13.44 -20.12 17.67
CA HIS D 79 -12.05 -20.05 18.06
C HIS D 79 -11.82 -20.49 19.49
N MET D 80 -12.88 -20.82 20.23
CA MET D 80 -12.73 -21.04 21.67
C MET D 80 -11.81 -22.20 21.99
N THR D 81 -11.74 -23.23 21.14
CA THR D 81 -10.85 -24.35 21.47
C THR D 81 -9.39 -24.07 21.20
N GLU D 82 -9.06 -23.00 20.45
CA GLU D 82 -7.67 -22.72 20.14
C GLU D 82 -6.99 -22.10 21.36
N VAL D 83 -5.87 -22.71 21.77
CA VAL D 83 -5.12 -22.18 22.91
C VAL D 83 -4.61 -20.80 22.56
N VAL D 84 -4.91 -19.81 23.42
CA VAL D 84 -4.40 -18.46 23.24
C VAL D 84 -2.93 -18.45 23.62
N ARG D 85 -2.07 -18.00 22.71
CA ARG D 85 -0.64 -18.00 22.97
C ARG D 85 -0.01 -16.86 22.20
N ARG D 86 1.27 -16.60 22.48
CA ARG D 86 1.97 -15.58 21.72
C ARG D 86 2.25 -16.05 20.30
N CYS D 87 2.38 -15.08 19.40
CA CYS D 87 2.73 -15.40 18.03
C CYS D 87 4.16 -15.93 17.99
N PRO D 88 4.48 -16.73 16.97
CA PRO D 88 5.83 -17.31 16.93
C PRO D 88 6.93 -16.26 16.92
N HIS D 89 6.72 -15.14 16.24
CA HIS D 89 7.79 -14.15 16.16
C HIS D 89 8.09 -13.57 17.53
N HIS D 90 7.04 -13.20 18.29
CA HIS D 90 7.29 -12.67 19.62
C HIS D 90 7.84 -13.74 20.54
N GLU D 91 7.38 -14.98 20.40
CA GLU D 91 7.92 -16.07 21.22
C GLU D 91 9.42 -16.23 20.96
N ARG D 92 9.83 -16.29 19.69
CA ARG D 92 11.23 -16.51 19.34
C ARG D 92 12.09 -15.32 19.70
N SER D 93 11.54 -14.12 19.69
CA SER D 93 12.34 -12.94 19.95
C SER D 93 12.50 -12.68 21.45
N SER D 94 11.86 -13.50 22.28
CA SER D 94 11.85 -13.28 23.71
C SER D 94 13.26 -13.45 24.29
N ASP D 95 13.59 -12.62 25.29
CA ASP D 95 14.86 -12.79 25.98
C ASP D 95 14.84 -14.02 26.87
N SER D 96 13.67 -14.44 27.34
CA SER D 96 13.53 -15.57 28.28
C SER D 96 14.44 -15.40 29.49
N ASP D 97 14.46 -14.18 30.03
CA ASP D 97 15.26 -13.86 31.21
C ASP D 97 14.44 -13.79 32.49
N GLY D 98 13.11 -13.86 32.41
CA GLY D 98 12.29 -13.70 33.59
C GLY D 98 11.71 -15.00 34.09
N LEU D 99 10.48 -14.94 34.58
CA LEU D 99 9.80 -16.15 35.03
C LEU D 99 8.87 -16.72 33.98
N ALA D 100 8.38 -15.89 33.08
CA ALA D 100 7.35 -16.35 32.16
C ALA D 100 7.96 -17.12 31.00
N PRO D 101 7.46 -18.31 30.68
CA PRO D 101 7.85 -18.96 29.43
C PRO D 101 7.50 -18.06 28.25
N PRO D 102 8.30 -18.10 27.19
CA PRO D 102 8.14 -17.11 26.11
C PRO D 102 6.85 -17.26 25.31
N GLN D 103 6.16 -18.39 25.41
CA GLN D 103 4.93 -18.56 24.66
C GLN D 103 3.70 -18.02 25.39
N HIS D 104 3.81 -17.70 26.67
CA HIS D 104 2.64 -17.26 27.42
C HIS D 104 2.22 -15.84 27.07
N LEU D 105 0.92 -15.66 26.80
CA LEU D 105 0.41 -14.31 26.53
C LEU D 105 0.38 -13.46 27.78
N ILE D 106 -0.12 -14.01 28.89
CA ILE D 106 -0.37 -13.25 30.11
C ILE D 106 0.77 -13.46 31.09
N ARG D 107 1.37 -12.36 31.55
CA ARG D 107 2.36 -12.40 32.62
C ARG D 107 1.83 -11.66 33.83
N VAL D 108 2.40 -11.99 35.00
CA VAL D 108 2.23 -11.20 36.20
C VAL D 108 3.57 -10.56 36.52
N GLU D 109 3.54 -9.26 36.77
CA GLU D 109 4.74 -8.47 37.04
C GLU D 109 4.85 -8.23 38.54
N GLY D 110 6.08 -8.20 39.03
CA GLY D 110 6.32 -7.76 40.39
C GLY D 110 5.95 -8.74 41.49
N ASN D 111 5.90 -10.03 41.17
CA ASN D 111 5.57 -11.04 42.18
C ASN D 111 6.41 -12.28 41.92
N LEU D 112 7.41 -12.49 42.77
CA LEU D 112 8.33 -13.60 42.59
C LEU D 112 7.71 -14.95 42.90
N ARG D 113 6.49 -15.00 43.42
CA ARG D 113 5.83 -16.26 43.74
C ARG D 113 4.90 -16.75 42.64
N VAL D 114 4.81 -16.02 41.53
CA VAL D 114 3.92 -16.42 40.44
C VAL D 114 4.35 -17.77 39.88
N GLU D 115 3.37 -18.60 39.50
CA GLU D 115 3.70 -19.83 38.80
C GLU D 115 3.00 -19.84 37.45
N TYR D 116 3.73 -20.23 36.42
CA TYR D 116 3.19 -20.37 35.08
C TYR D 116 2.86 -21.83 34.81
N LEU D 117 1.65 -22.07 34.33
CA LEU D 117 1.10 -23.40 34.19
C LEU D 117 0.80 -23.68 32.72
N ASP D 118 1.01 -24.94 32.34
CA ASP D 118 0.71 -25.42 30.99
C ASP D 118 0.00 -26.75 31.19
N ASP D 119 -1.31 -26.76 30.97
CA ASP D 119 -2.11 -27.90 31.40
C ASP D 119 -1.84 -29.10 30.49
N ARG D 120 -1.47 -30.22 31.09
CA ARG D 120 -1.13 -31.41 30.31
C ARG D 120 -2.32 -31.93 29.53
N ASN D 121 -3.54 -31.75 30.04
CA ASN D 121 -4.73 -32.29 29.41
C ASN D 121 -5.46 -31.28 28.53
N THR D 122 -5.66 -30.05 29.00
CA THR D 122 -6.38 -29.06 28.21
C THR D 122 -5.50 -28.24 27.31
N PHE D 123 -4.18 -28.25 27.52
CA PHE D 123 -3.18 -27.52 26.77
C PHE D 123 -3.22 -26.02 27.05
N ARG D 124 -4.04 -25.56 27.97
CA ARG D 124 -4.18 -24.13 28.23
C ARG D 124 -3.04 -23.61 29.09
N HIS D 125 -2.61 -22.39 28.77
CA HIS D 125 -1.68 -21.67 29.62
C HIS D 125 -2.45 -20.90 30.68
N SER D 126 -1.84 -20.77 31.85
CA SER D 126 -2.39 -19.86 32.83
C SER D 126 -1.27 -19.41 33.74
N VAL D 127 -1.56 -18.36 34.49
CA VAL D 127 -0.61 -17.83 35.44
C VAL D 127 -1.31 -17.71 36.79
N VAL D 128 -0.68 -18.24 37.84
CA VAL D 128 -1.30 -18.33 39.15
C VAL D 128 -0.49 -17.54 40.17
N VAL D 129 -1.20 -16.80 41.01
CA VAL D 129 -0.66 -16.04 42.13
C VAL D 129 -1.13 -16.73 43.40
N PRO D 130 -0.23 -17.30 44.21
CA PRO D 130 -0.66 -17.89 45.47
C PRO D 130 -0.97 -16.80 46.47
N CYS D 131 -2.09 -16.96 47.18
CA CYS D 131 -2.54 -15.99 48.16
C CYS D 131 -1.99 -16.35 49.53
N GLU D 132 -1.44 -15.36 50.23
CA GLU D 132 -1.05 -15.52 51.63
C GLU D 132 -1.87 -14.58 52.51
N PRO D 133 -3.19 -14.77 52.56
CA PRO D 133 -4.05 -13.77 53.23
C PRO D 133 -3.96 -13.88 54.74
N PRO D 134 -3.99 -12.76 55.45
CA PRO D 134 -4.00 -12.81 56.91
C PRO D 134 -5.40 -13.11 57.43
N GLU D 135 -5.48 -13.22 58.76
CA GLU D 135 -6.72 -13.57 59.46
C GLU D 135 -7.90 -12.74 59.01
N VAL D 136 -7.70 -11.44 58.88
CA VAL D 136 -8.71 -10.52 58.36
C VAL D 136 -7.97 -9.59 57.40
N GLY D 137 -7.98 -9.95 56.12
CA GLY D 137 -7.16 -9.29 55.13
C GLY D 137 -7.86 -8.10 54.51
N SER D 138 -7.21 -7.55 53.50
CA SER D 138 -7.70 -6.33 52.88
C SER D 138 -8.95 -6.63 52.07
N ASP D 139 -9.75 -5.60 51.86
CA ASP D 139 -10.85 -5.71 50.92
C ASP D 139 -10.34 -5.96 49.52
N SER D 140 -9.09 -5.58 49.24
CA SER D 140 -8.64 -5.50 47.86
C SER D 140 -7.14 -5.75 47.76
N THR D 141 -6.72 -6.22 46.59
CA THR D 141 -5.31 -6.25 46.24
C THR D 141 -5.22 -5.94 44.76
N THR D 142 -4.03 -5.59 44.30
CA THR D 142 -3.83 -5.32 42.88
C THR D 142 -2.83 -6.32 42.32
N ILE D 143 -3.19 -6.96 41.20
CA ILE D 143 -2.28 -7.80 40.43
C ILE D 143 -1.93 -7.02 39.18
N HIS D 144 -0.64 -7.00 38.83
CA HIS D 144 -0.18 -6.28 37.66
C HIS D 144 0.02 -7.29 36.55
N TYR D 145 -0.92 -7.31 35.61
CA TYR D 145 -0.84 -8.23 34.48
C TYR D 145 -0.18 -7.51 33.30
N ASN D 146 0.49 -8.29 32.45
CA ASN D 146 1.07 -7.83 31.19
C ASN D 146 0.56 -8.74 30.09
N TYR D 147 0.19 -8.15 28.94
CA TYR D 147 -0.19 -8.92 27.77
C TYR D 147 0.91 -8.78 26.72
N MET D 148 1.42 -9.92 26.22
CA MET D 148 2.70 -9.94 25.54
C MET D 148 2.60 -10.03 24.02
N CYS D 149 1.40 -9.90 23.46
CA CYS D 149 1.18 -9.76 22.01
C CYS D 149 0.07 -8.75 21.81
N TYR D 150 0.09 -8.08 20.67
CA TYR D 150 -1.08 -7.32 20.26
C TYR D 150 -2.20 -8.25 19.86
N SER D 151 -3.44 -7.78 20.05
CA SER D 151 -4.59 -8.51 19.52
C SER D 151 -4.45 -8.75 18.03
N SER D 152 -3.77 -7.85 17.32
CA SER D 152 -3.61 -7.96 15.87
C SER D 152 -2.47 -8.86 15.43
N CYS D 153 -1.61 -9.35 16.33
CA CYS D 153 -0.45 -10.14 15.91
C CYS D 153 -0.85 -11.23 14.92
N MET D 154 -0.37 -11.12 13.68
CA MET D 154 -0.89 -11.98 12.63
C MET D 154 -0.57 -13.46 12.88
N GLY D 155 0.52 -13.76 13.55
CA GLY D 155 0.86 -15.14 13.84
C GLY D 155 0.25 -15.69 15.11
N GLY D 156 -0.50 -14.87 15.84
CA GLY D 156 -1.11 -15.29 17.08
C GLY D 156 -2.59 -14.98 17.16
N MET D 157 -2.96 -14.00 17.99
CA MET D 157 -4.39 -13.72 18.15
C MET D 157 -5.04 -13.27 16.85
N ASN D 158 -4.28 -12.62 15.96
N ASN D 158 -4.29 -12.63 15.95
CA ASN D 158 -4.69 -12.34 14.59
CA ASN D 158 -4.74 -12.39 14.58
C ASN D 158 -6.08 -11.70 14.52
C ASN D 158 -6.11 -11.72 14.54
N ARG D 159 -6.25 -10.65 15.32
CA ARG D 159 -7.42 -9.76 15.36
C ARG D 159 -8.65 -10.42 15.97
N ARG D 160 -8.49 -11.58 16.60
CA ARG D 160 -9.60 -12.23 17.27
C ARG D 160 -9.70 -11.75 18.72
N PRO D 161 -10.86 -11.32 19.18
CA PRO D 161 -10.98 -10.87 20.57
CA PRO D 161 -10.96 -10.87 20.57
C PRO D 161 -10.78 -12.02 21.55
N ILE D 162 -10.22 -11.70 22.71
CA ILE D 162 -10.04 -12.66 23.79
C ILE D 162 -10.77 -12.19 25.04
N LEU D 163 -11.03 -13.13 25.93
CA LEU D 163 -11.50 -12.88 27.28
C LEU D 163 -10.40 -13.33 28.23
N THR D 164 -10.15 -12.55 29.28
CA THR D 164 -9.36 -13.01 30.41
C THR D 164 -10.31 -13.48 31.49
N ILE D 165 -10.09 -14.70 31.97
CA ILE D 165 -10.92 -15.27 33.02
C ILE D 165 -10.05 -15.38 34.26
N ILE D 166 -10.51 -14.78 35.35
CA ILE D 166 -9.79 -14.76 36.62
C ILE D 166 -10.58 -15.62 37.59
N THR D 167 -9.94 -16.64 38.13
CA THR D 167 -10.63 -17.52 39.07
CA THR D 167 -10.59 -17.57 39.04
C THR D 167 -9.93 -17.53 40.41
N LEU D 168 -10.72 -17.59 41.46
CA LEU D 168 -10.24 -17.75 42.82
C LEU D 168 -10.46 -19.22 43.18
N GLU D 169 -9.40 -19.93 43.56
CA GLU D 169 -9.46 -21.36 43.77
C GLU D 169 -8.91 -21.70 45.14
N ASP D 170 -9.50 -22.69 45.81
CA ASP D 170 -8.94 -23.07 47.09
C ASP D 170 -7.85 -24.11 46.90
N SER D 171 -7.23 -24.53 48.01
CA SER D 171 -6.05 -25.39 47.92
C SER D 171 -6.38 -26.75 47.31
N SER D 172 -7.62 -27.22 47.46
CA SER D 172 -8.02 -28.49 46.87
C SER D 172 -8.53 -28.34 45.45
N GLY D 173 -8.45 -27.14 44.86
CA GLY D 173 -8.83 -26.92 43.49
C GLY D 173 -10.27 -26.49 43.28
N ASN D 174 -11.07 -26.41 44.33
CA ASN D 174 -12.46 -25.99 44.20
C ASN D 174 -12.55 -24.53 43.76
N LEU D 175 -13.56 -24.25 42.92
CA LEU D 175 -13.81 -22.89 42.47
C LEU D 175 -14.44 -22.07 43.60
N LEU D 176 -13.80 -20.97 43.99
CA LEU D 176 -14.40 -20.07 44.97
C LEU D 176 -15.04 -18.86 44.34
N GLY D 177 -14.56 -18.42 43.17
CA GLY D 177 -15.12 -17.25 42.53
C GLY D 177 -14.58 -17.13 41.13
N ARG D 178 -15.30 -16.38 40.29
CA ARG D 178 -14.89 -16.20 38.91
C ARG D 178 -15.33 -14.83 38.42
N ASP D 179 -14.47 -14.16 37.67
CA ASP D 179 -14.86 -12.93 36.99
C ASP D 179 -14.09 -12.93 35.68
N SER D 180 -14.46 -12.04 34.77
CA SER D 180 -13.80 -12.04 33.47
C SER D 180 -13.96 -10.69 32.82
N PHE D 181 -13.13 -10.44 31.81
CA PHE D 181 -13.23 -9.22 31.04
C PHE D 181 -12.65 -9.47 29.67
N GLU D 182 -13.17 -8.75 28.66
CA GLU D 182 -12.60 -8.80 27.33
C GLU D 182 -11.31 -7.96 27.31
N VAL D 183 -10.41 -8.29 26.39
CA VAL D 183 -9.15 -7.57 26.26
C VAL D 183 -8.88 -7.22 24.80
N ARG D 184 -8.45 -5.99 24.56
CA ARG D 184 -7.83 -5.64 23.29
C ARG D 184 -6.48 -5.03 23.58
N VAL D 185 -5.43 -5.64 23.03
CA VAL D 185 -4.08 -5.13 23.16
C VAL D 185 -3.75 -4.41 21.85
N SER D 186 -3.47 -3.12 21.93
CA SER D 186 -3.16 -2.36 20.73
C SER D 186 -2.22 -1.23 21.09
N ALA D 187 -1.70 -0.55 20.06
CA ALA D 187 -0.80 0.57 20.31
C ALA D 187 -1.53 1.82 20.78
N SER D 188 -2.85 1.90 20.62
CA SER D 188 -3.62 3.09 20.98
C SER D 188 -4.87 2.69 21.76
N PRO D 189 -4.70 2.26 23.01
CA PRO D 189 -5.85 1.76 23.78
C PRO D 189 -6.91 2.80 24.07
N GLY D 190 -6.53 4.03 24.44
CA GLY D 190 -7.53 5.04 24.74
C GLY D 190 -8.37 5.37 23.52
N ARG D 191 -7.73 5.51 22.37
CA ARG D 191 -8.46 5.77 21.14
C ARG D 191 -9.34 4.59 20.75
N ASP D 192 -8.82 3.35 20.87
CA ASP D 192 -9.63 2.20 20.52
C ASP D 192 -10.82 2.03 21.45
N ARG D 193 -10.64 2.35 22.74
CA ARG D 193 -11.77 2.32 23.66
C ARG D 193 -12.86 3.31 23.24
N ARG D 194 -12.47 4.55 22.97
CA ARG D 194 -13.44 5.54 22.51
C ARG D 194 -14.15 5.06 21.26
N THR D 195 -13.39 4.55 20.29
CA THR D 195 -14.00 4.07 19.05
C THR D 195 -15.04 2.99 19.32
N GLU D 196 -14.69 1.99 20.12
CA GLU D 196 -15.64 0.89 20.37
C GLU D 196 -16.82 1.37 21.20
N GLU D 197 -16.61 2.34 22.09
CA GLU D 197 -17.71 2.83 22.91
C GLU D 197 -18.67 3.71 22.11
N GLU D 198 -18.17 4.43 21.10
CA GLU D 198 -19.12 5.21 20.32
C GLU D 198 -19.83 4.35 19.28
N ASN D 199 -19.33 3.14 19.04
CA ASN D 199 -19.99 2.18 18.17
C ASN D 199 -21.09 1.39 18.87
N LEU D 200 -21.32 1.60 20.16
CA LEU D 200 -22.36 0.85 20.85
C LEU D 200 -23.68 1.64 20.86
#